data_8VBW
#
_entry.id   8VBW
#
_cell.length_a   183.399
_cell.length_b   72.717
_cell.length_c   90.111
_cell.angle_alpha   90.00
_cell.angle_beta   103.47
_cell.angle_gamma   90.00
#
_symmetry.space_group_name_H-M   'C 1 2 1'
#
loop_
_entity.id
_entity.type
_entity.pdbx_description
1 polymer 'Penicillin-binding protein 1'
2 non-polymer '(4R,5S)-3-({(3S,5S)-5-[(3-carboxyphenyl)carbamoyl]pyrrolidin-3-yl}sulfanyl)-5-[(1S,2R)-1-formyl-2-hydroxypropyl]-4-methyl-4,5-dihydro-1H-pyrrole-2-carboxylic acid'
3 water water
#
_entity_poly.entity_id   1
_entity_poly.type   'polypeptide(L)'
_entity_poly.pdbx_seq_one_letter_code
;MGSSHHHHHHHHHHSSGLVPRGSHMTGHSNGQDLVMKANEKYLVKNAQQPERGKIYDRNGKVLAEDVERYKLVAVIDKKA
SANSKKPRHVVDKKETAKKLSTVIDMKPEEIEKRLSQKKAFQIEFGRKGTNLTYQDKLKIEKMNLPGISLLPETERFYPN
GNFASHLIGRAQKNPDTGELKGALGVEKIFDSYLSGSKGSLRYIHDIWGYIAPNTKKEKQPKRGDDVHLTIDSNIQVFVE
EALDGMVERYQPKDLFAVVMDAKTGEILAYSQRPTFNPETGKDFGKKWANDLYQNTYEPGSTFKSYGLAAAIQEGAFDPD
KKYKSGHRDIMGSRISDWNRVGWGEIPMSLGFTYSSNTLMMHLQDLVGADKMKSWYERFGFGKSTKGMFDGEAPGQIGWS
NELQQKTSSFGQSTTVTPVQMLQAQSAFFNDGNMLKPWFVNSVENPVSKRQFYKGQKQIAGKPITKDTAEKVEKQLDLVV
NSKKSHAANYRIDGYEVEGKTGTAQVAAPNGGGYVKGPNPYFVSFMGDAPKKNPKVIVYAGMSLAQKNDQEAYELGVSKA
FKPIMENTLKYLNVGKSKDDTSNAEYSKVPDVEGQ
;
_entity_poly.pdbx_strand_id   A,B
#
# COMPACT_ATOMS: atom_id res chain seq x y z
N GLN A 48 23.54 3.35 3.93
CA GLN A 48 23.22 2.59 2.71
C GLN A 48 22.29 3.39 1.79
N GLN A 49 21.16 3.93 2.37
CA GLN A 49 20.21 4.57 1.46
C GLN A 49 20.50 6.07 1.34
N PRO A 50 20.26 6.66 0.17
CA PRO A 50 20.26 8.11 0.07
C PRO A 50 19.15 8.70 0.93
N GLU A 51 19.34 9.94 1.37
CA GLU A 51 18.26 10.61 2.07
C GLU A 51 17.07 10.78 1.15
N ARG A 52 15.90 10.31 1.59
CA ARG A 52 14.65 10.57 0.87
C ARG A 52 14.28 12.05 1.01
N GLY A 53 13.81 12.65 -0.08
CA GLY A 53 13.52 14.06 -0.07
C GLY A 53 12.37 14.42 0.84
N LYS A 54 12.25 15.71 1.14
CA LYS A 54 11.21 16.16 2.05
C LYS A 54 9.95 16.57 1.31
N ILE A 55 8.82 16.47 2.02
CA ILE A 55 7.57 17.09 1.62
C ILE A 55 7.39 18.35 2.47
N TYR A 56 7.11 19.47 1.81
CA TYR A 56 6.99 20.77 2.46
C TYR A 56 5.60 21.34 2.23
N ASP A 57 5.17 22.20 3.16
CA ASP A 57 3.97 22.99 2.90
C ASP A 57 4.37 24.26 2.14
N ARG A 58 3.37 25.11 1.83
CA ARG A 58 3.58 26.24 0.92
C ARG A 58 4.47 27.32 1.51
N ASN A 59 4.65 27.34 2.82
CA ASN A 59 5.54 28.30 3.46
C ASN A 59 6.84 27.66 3.91
N GLY A 60 7.15 26.46 3.42
CA GLY A 60 8.42 25.84 3.74
C GLY A 60 8.48 25.04 5.04
N LYS A 61 7.35 24.73 5.67
CA LYS A 61 7.34 23.90 6.85
C LYS A 61 7.42 22.44 6.43
N VAL A 62 8.22 21.67 7.15
CA VAL A 62 8.37 20.25 6.86
C VAL A 62 7.10 19.49 7.21
N LEU A 63 6.55 18.76 6.24
CA LEU A 63 5.49 17.78 6.50
C LEU A 63 6.03 16.36 6.62
N ALA A 64 7.15 16.04 5.98
CA ALA A 64 7.76 14.72 6.08
C ALA A 64 9.25 14.86 5.80
N GLU A 65 10.07 14.08 6.50
CA GLU A 65 11.52 14.09 6.34
C GLU A 65 12.12 12.82 6.93
N ASP A 66 13.40 12.61 6.64
CA ASP A 66 14.15 11.50 7.20
C ASP A 66 14.80 11.92 8.52
N VAL A 67 14.64 11.09 9.57
CA VAL A 67 15.31 11.32 10.84
C VAL A 67 16.10 10.07 11.24
N GLU A 68 17.01 10.26 12.19
CA GLU A 68 17.71 9.17 12.84
C GLU A 68 17.00 8.80 14.14
N ARG A 69 16.72 7.51 14.31
CA ARG A 69 16.21 6.97 15.57
C ARG A 69 17.08 5.78 15.98
N TYR A 70 16.72 5.07 17.04
CA TYR A 70 17.66 4.12 17.61
C TYR A 70 16.98 2.81 17.97
N LYS A 71 17.74 1.73 17.85
CA LYS A 71 17.30 0.38 18.17
C LYS A 71 18.14 -0.18 19.31
N LEU A 72 17.46 -0.74 20.31
CA LEU A 72 18.13 -1.33 21.46
C LEU A 72 18.61 -2.75 21.13
N VAL A 73 19.88 -3.05 21.41
CA VAL A 73 20.48 -4.35 21.16
C VAL A 73 21.18 -4.84 22.42
N ALA A 74 20.94 -6.10 22.80
CA ALA A 74 21.54 -6.71 23.98
C ALA A 74 22.34 -7.95 23.59
N VAL A 75 23.66 -7.93 23.83
CA VAL A 75 24.49 -9.12 23.72
C VAL A 75 24.37 -9.93 25.01
N ILE A 76 23.98 -11.19 24.88
CA ILE A 76 23.68 -12.05 26.03
C ILE A 76 24.57 -13.27 26.11
N ASP A 77 25.49 -13.47 25.17
CA ASP A 77 26.35 -14.64 25.19
C ASP A 77 27.63 -14.31 25.96
N LYS A 78 27.95 -15.17 26.94
CA LYS A 78 29.17 -14.99 27.73
C LYS A 78 30.43 -14.99 26.88
N LYS A 79 30.40 -15.65 25.71
CA LYS A 79 31.61 -15.71 24.89
C LYS A 79 32.05 -14.33 24.40
N ALA A 80 31.16 -13.33 24.42
CA ALA A 80 31.54 -11.99 24.04
C ALA A 80 32.52 -11.35 25.03
N SER A 81 32.58 -11.87 26.27
CA SER A 81 33.46 -11.36 27.31
C SER A 81 34.57 -12.34 27.65
N ALA A 82 34.95 -13.19 26.70
CA ALA A 82 35.96 -14.22 26.98
C ALA A 82 37.33 -13.59 27.22
N ASN A 83 37.77 -12.69 26.34
CA ASN A 83 39.04 -11.99 26.50
C ASN A 83 38.78 -10.50 26.70
N SER A 84 38.20 -10.17 27.86
CA SER A 84 37.96 -8.79 28.24
C SER A 84 37.85 -8.70 29.75
N LYS A 85 38.43 -7.63 30.31
CA LYS A 85 38.39 -7.44 31.76
C LYS A 85 36.99 -7.04 32.21
N LYS A 86 36.42 -6.00 31.59
CA LYS A 86 35.07 -5.58 31.96
C LYS A 86 34.05 -6.27 31.05
N PRO A 87 32.91 -6.67 31.61
CA PRO A 87 31.94 -7.47 30.84
C PRO A 87 31.48 -6.76 29.57
N ARG A 88 31.32 -7.55 28.50
CA ARG A 88 30.80 -7.07 27.23
C ARG A 88 29.45 -7.70 26.88
N HIS A 89 28.86 -8.48 27.79
CA HIS A 89 27.54 -9.08 27.63
C HIS A 89 26.71 -8.80 28.87
N VAL A 90 25.42 -9.15 28.80
CA VAL A 90 24.52 -8.88 29.92
C VAL A 90 24.80 -9.92 31.00
N VAL A 91 25.34 -9.47 32.12
CA VAL A 91 25.69 -10.34 33.23
C VAL A 91 24.52 -10.49 34.19
N ASP A 92 23.89 -9.38 34.56
CA ASP A 92 22.74 -9.37 35.47
C ASP A 92 21.49 -9.14 34.65
N LYS A 93 20.80 -10.22 34.28
CA LYS A 93 19.56 -10.11 33.52
C LYS A 93 18.48 -9.35 34.30
N LYS A 94 18.37 -9.61 35.62
CA LYS A 94 17.27 -9.04 36.39
C LYS A 94 17.43 -7.53 36.54
N GLU A 95 18.64 -7.07 36.88
CA GLU A 95 18.90 -5.65 36.99
C GLU A 95 18.86 -4.95 35.64
N THR A 96 19.33 -5.62 34.59
CA THR A 96 19.24 -5.05 33.24
C THR A 96 17.79 -4.87 32.83
N ALA A 97 16.94 -5.90 33.05
CA ALA A 97 15.53 -5.82 32.71
C ALA A 97 14.81 -4.72 33.49
N LYS A 98 14.97 -4.71 34.82
CA LYS A 98 14.35 -3.66 35.64
C LYS A 98 14.73 -2.28 35.11
N LYS A 99 16.02 -2.03 34.95
CA LYS A 99 16.49 -0.72 34.53
C LYS A 99 16.04 -0.40 33.10
N LEU A 100 16.10 -1.39 32.20
CA LEU A 100 15.62 -1.18 30.84
C LEU A 100 14.11 -1.00 30.79
N SER A 101 13.37 -1.63 31.71
CA SER A 101 11.91 -1.48 31.78
C SER A 101 11.48 -0.04 31.97
N THR A 102 12.39 0.83 32.40
CA THR A 102 12.13 2.24 32.65
C THR A 102 12.34 3.14 31.43
N VAL A 103 12.79 2.62 30.30
CA VAL A 103 13.00 3.47 29.13
C VAL A 103 12.13 2.99 27.97
N ILE A 104 11.80 1.69 27.96
CA ILE A 104 10.95 1.11 26.94
C ILE A 104 9.67 0.58 27.59
N ASP A 105 8.63 0.45 26.78
CA ASP A 105 7.31 0.05 27.27
C ASP A 105 7.19 -1.47 27.28
N MET A 106 7.91 -2.08 28.21
CA MET A 106 7.93 -3.53 28.40
C MET A 106 8.06 -3.86 29.89
N LYS A 107 7.27 -4.83 30.33
CA LYS A 107 7.30 -5.23 31.73
C LYS A 107 8.58 -6.00 32.03
N PRO A 108 9.17 -5.83 33.22
CA PRO A 108 10.46 -6.49 33.53
C PRO A 108 10.47 -7.99 33.32
N GLU A 109 9.34 -8.67 33.51
CA GLU A 109 9.31 -10.12 33.28
C GLU A 109 9.59 -10.44 31.81
N GLU A 110 9.09 -9.61 30.90
CA GLU A 110 9.26 -9.91 29.48
C GLU A 110 10.68 -9.61 29.00
N ILE A 111 11.27 -8.48 29.46
CA ILE A 111 12.66 -8.20 29.12
C ILE A 111 13.56 -9.36 29.57
N GLU A 112 13.33 -9.87 30.78
CA GLU A 112 14.12 -11.01 31.26
C GLU A 112 13.86 -12.26 30.43
N LYS A 113 12.60 -12.48 30.03
CA LYS A 113 12.28 -13.63 29.21
C LYS A 113 12.98 -13.57 27.85
N ARG A 114 13.00 -12.39 27.23
CA ARG A 114 13.72 -12.24 25.96
C ARG A 114 15.22 -12.38 26.16
N LEU A 115 15.75 -11.85 27.27
CA LEU A 115 17.16 -11.96 27.59
C LEU A 115 17.60 -13.39 27.92
N SER A 116 16.65 -14.31 28.13
CA SER A 116 16.94 -15.69 28.45
C SER A 116 16.95 -16.60 27.23
N GLN A 117 16.60 -16.07 26.05
CA GLN A 117 16.62 -16.85 24.82
C GLN A 117 17.95 -17.58 24.67
N LYS A 118 17.88 -18.81 24.18
CA LYS A 118 19.03 -19.70 24.07
C LYS A 118 19.43 -19.83 22.61
N LYS A 119 20.64 -20.36 22.41
CA LYS A 119 21.23 -20.47 21.07
C LYS A 119 21.24 -19.13 20.35
N ALA A 120 21.36 -18.03 21.11
CA ALA A 120 21.28 -16.69 20.56
C ALA A 120 22.38 -15.81 21.14
N PHE A 121 23.07 -15.08 20.25
CA PHE A 121 24.18 -14.20 20.62
C PHE A 121 23.71 -12.80 21.01
N GLN A 122 22.78 -12.25 20.25
CA GLN A 122 22.18 -10.94 20.49
C GLN A 122 20.68 -11.10 20.44
N ILE A 123 19.98 -10.24 21.15
CA ILE A 123 18.52 -10.20 21.06
C ILE A 123 18.07 -8.75 20.96
N GLU A 124 16.97 -8.56 20.26
CA GLU A 124 16.26 -7.30 20.18
C GLU A 124 14.92 -7.45 20.90
N PHE A 125 14.15 -6.37 20.96
CA PHE A 125 12.98 -6.33 21.82
C PHE A 125 11.72 -5.98 21.05
N GLY A 126 11.66 -6.39 19.77
CA GLY A 126 10.51 -6.17 18.93
C GLY A 126 10.26 -4.69 18.71
N ARG A 127 9.00 -4.38 18.40
CA ARG A 127 8.62 -3.01 18.09
C ARG A 127 8.88 -2.06 19.26
N LYS A 128 8.81 -2.56 20.49
CA LYS A 128 9.02 -1.67 21.63
C LYS A 128 10.46 -1.23 21.75
N GLY A 129 11.40 -2.02 21.21
CA GLY A 129 12.82 -1.74 21.27
C GLY A 129 13.35 -0.85 20.18
N THR A 130 12.53 -0.52 19.18
CA THR A 130 12.96 0.30 18.07
C THR A 130 12.22 1.64 18.05
N ASN A 131 12.65 2.51 17.14
CA ASN A 131 12.11 3.86 16.97
C ASN A 131 12.36 4.73 18.19
N LEU A 132 13.43 4.44 18.94
CA LEU A 132 13.74 5.19 20.13
C LEU A 132 14.37 6.54 19.78
N THR A 133 14.12 7.55 20.62
CA THR A 133 14.56 8.92 20.39
C THR A 133 16.03 9.10 20.80
N TYR A 134 16.57 10.28 20.48
CA TYR A 134 17.95 10.57 20.90
C TYR A 134 18.06 10.72 22.41
N GLN A 135 16.98 11.11 23.08
CA GLN A 135 17.03 11.22 24.53
C GLN A 135 16.90 9.85 25.18
N ASP A 136 16.07 8.98 24.59
CA ASP A 136 16.03 7.59 25.00
C ASP A 136 17.41 6.97 24.95
N LYS A 137 18.18 7.28 23.91
CA LYS A 137 19.54 6.76 23.79
C LYS A 137 20.42 7.25 24.94
N LEU A 138 20.45 8.56 25.17
CA LEU A 138 21.30 9.13 26.21
C LEU A 138 20.95 8.57 27.58
N LYS A 139 19.67 8.31 27.83
CA LYS A 139 19.26 7.80 29.13
C LYS A 139 19.77 6.37 29.36
N ILE A 140 19.68 5.52 28.33
CA ILE A 140 20.13 4.14 28.48
C ILE A 140 21.65 4.06 28.59
N GLU A 141 22.35 4.90 27.82
CA GLU A 141 23.81 4.85 27.83
C GLU A 141 24.37 5.36 29.15
N LYS A 142 23.67 6.30 29.80
CA LYS A 142 24.09 6.73 31.14
C LYS A 142 24.09 5.56 32.11
N MET A 143 23.20 4.57 31.92
CA MET A 143 23.15 3.43 32.83
C MET A 143 24.38 2.53 32.72
N ASN A 144 25.15 2.64 31.63
CA ASN A 144 26.39 1.88 31.47
C ASN A 144 26.17 0.38 31.62
N LEU A 145 25.02 -0.11 31.19
CA LEU A 145 24.70 -1.52 31.32
C LEU A 145 25.58 -2.37 30.41
N PRO A 146 26.26 -3.39 30.93
CA PRO A 146 27.10 -4.25 30.08
C PRO A 146 26.28 -4.96 29.00
N GLY A 147 26.80 -4.94 27.77
CA GLY A 147 26.19 -5.64 26.67
C GLY A 147 25.06 -4.90 25.99
N ILE A 148 24.74 -3.69 26.46
CA ILE A 148 23.64 -2.89 25.95
C ILE A 148 24.20 -1.83 25.03
N SER A 149 23.55 -1.62 23.89
CA SER A 149 23.97 -0.57 22.97
C SER A 149 22.78 -0.13 22.12
N LEU A 150 22.95 0.98 21.43
CA LEU A 150 21.93 1.55 20.55
C LEU A 150 22.47 1.62 19.14
N LEU A 151 21.70 1.10 18.18
CA LEU A 151 22.00 1.20 16.75
C LEU A 151 21.21 2.34 16.14
N PRO A 152 21.83 3.18 15.31
CA PRO A 152 21.07 4.23 14.62
C PRO A 152 20.29 3.67 13.43
N GLU A 153 19.03 4.11 13.30
CA GLU A 153 18.17 3.72 12.20
C GLU A 153 17.50 4.95 11.63
N THR A 154 17.36 5.00 10.31
CA THR A 154 16.62 6.05 9.64
C THR A 154 15.13 5.73 9.71
N GLU A 155 14.33 6.70 10.16
CA GLU A 155 12.88 6.57 10.07
C GLU A 155 12.31 7.74 9.28
N ARG A 156 11.09 7.55 8.80
CA ARG A 156 10.36 8.62 8.15
C ARG A 156 9.55 9.33 9.22
N PHE A 157 9.76 10.63 9.37
CA PHE A 157 9.19 11.45 10.44
C PHE A 157 8.16 12.40 9.83
N TYR A 158 6.97 12.42 10.42
CA TYR A 158 5.92 13.34 10.04
C TYR A 158 5.71 14.26 11.21
N PRO A 159 6.33 15.44 11.19
CA PRO A 159 6.31 16.32 12.39
C PRO A 159 4.93 16.64 12.91
N ASN A 160 3.89 16.69 12.07
CA ASN A 160 2.57 17.08 12.54
C ASN A 160 1.67 15.89 12.87
N GLY A 161 2.20 14.67 12.84
CA GLY A 161 1.39 13.49 13.15
C GLY A 161 0.21 13.34 12.18
N ASN A 162 -0.99 13.19 12.74
CA ASN A 162 -2.23 13.09 11.95
C ASN A 162 -2.58 14.45 11.35
N PHE A 163 -2.29 14.62 10.07
CA PHE A 163 -2.31 15.96 9.50
C PHE A 163 -2.25 15.88 7.98
N ALA A 164 -3.37 16.16 7.29
CA ALA A 164 -3.47 15.99 5.84
C ALA A 164 -3.03 14.58 5.41
N SER A 165 -3.38 13.59 6.22
CA SER A 165 -2.74 12.28 6.13
C SER A 165 -3.03 11.61 4.80
N HIS A 166 -4.29 11.61 4.36
CA HIS A 166 -4.65 11.03 3.07
C HIS A 166 -4.13 11.82 1.88
N LEU A 167 -3.63 13.05 2.09
CA LEU A 167 -2.98 13.70 0.96
C LEU A 167 -1.48 13.40 0.95
N ILE A 168 -0.81 13.56 2.11
CA ILE A 168 0.64 13.36 2.21
C ILE A 168 0.99 11.89 2.07
N GLY A 169 0.17 11.00 2.61
CA GLY A 169 0.48 9.60 2.52
C GLY A 169 1.49 9.16 3.57
N ARG A 170 2.14 8.03 3.28
CA ARG A 170 3.05 7.40 4.22
C ARG A 170 4.07 6.58 3.45
N ALA A 171 5.33 6.63 3.87
CA ALA A 171 6.37 5.79 3.31
C ALA A 171 6.63 4.64 4.27
N GLN A 172 6.88 3.46 3.71
CA GLN A 172 7.15 2.28 4.51
C GLN A 172 8.60 1.85 4.31
N LYS A 173 9.14 1.22 5.34
CA LYS A 173 10.54 0.86 5.39
C LYS A 173 10.71 -0.64 5.15
N ASN A 174 11.62 -0.99 4.24
CA ASN A 174 12.07 -2.37 4.12
C ASN A 174 13.17 -2.57 5.16
N PRO A 175 12.91 -3.32 6.23
CA PRO A 175 13.91 -3.45 7.31
C PRO A 175 15.28 -3.96 6.86
N ASP A 176 15.35 -4.74 5.78
CA ASP A 176 16.62 -5.35 5.39
C ASP A 176 17.61 -4.29 4.90
N THR A 177 17.14 -3.35 4.10
CA THR A 177 17.99 -2.37 3.46
C THR A 177 17.81 -0.96 4.01
N GLY A 178 16.73 -0.72 4.77
CA GLY A 178 16.31 0.62 5.10
C GLY A 178 15.62 1.39 3.98
N GLU A 179 15.41 0.78 2.82
CA GLU A 179 14.84 1.51 1.70
C GLU A 179 13.39 1.87 2.01
N LEU A 180 13.03 3.13 1.76
CA LEU A 180 11.69 3.66 2.01
C LEU A 180 10.90 3.72 0.71
N LYS A 181 9.61 3.41 0.79
CA LYS A 181 8.76 3.43 -0.40
C LYS A 181 7.38 3.99 -0.07
N GLY A 182 6.92 4.97 -0.85
CA GLY A 182 5.61 5.54 -0.62
C GLY A 182 4.51 4.52 -0.88
N ALA A 183 3.52 4.51 0.01
CA ALA A 183 2.40 3.58 -0.12
C ALA A 183 1.05 4.28 -0.29
N LEU A 184 1.01 5.61 -0.21
CA LEU A 184 -0.24 6.34 -0.41
C LEU A 184 0.12 7.81 -0.62
N GLY A 185 -0.79 8.53 -1.27
CA GLY A 185 -0.69 9.98 -1.41
C GLY A 185 0.61 10.41 -2.06
N VAL A 186 1.05 11.62 -1.67
CA VAL A 186 2.24 12.25 -2.27
C VAL A 186 3.46 11.35 -2.16
N GLU A 187 3.64 10.68 -1.02
CA GLU A 187 4.79 9.80 -0.84
C GLU A 187 4.86 8.74 -1.93
N LYS A 188 3.70 8.24 -2.39
CA LYS A 188 3.67 7.25 -3.45
C LYS A 188 3.72 7.90 -4.83
N ILE A 189 2.83 8.87 -5.09
CA ILE A 189 2.74 9.51 -6.40
C ILE A 189 4.12 9.96 -6.86
N PHE A 190 4.88 10.60 -5.95
CA PHE A 190 6.20 11.14 -6.27
C PHE A 190 7.34 10.29 -5.72
N ASP A 191 7.11 8.98 -5.53
CA ASP A 191 8.15 8.15 -4.94
C ASP A 191 9.45 8.21 -5.73
N SER A 192 9.36 8.23 -7.06
CA SER A 192 10.61 8.18 -7.82
C SER A 192 11.38 9.48 -7.75
N TYR A 193 10.72 10.61 -7.43
CA TYR A 193 11.50 11.83 -7.18
C TYR A 193 12.01 11.88 -5.75
N LEU A 194 11.15 11.57 -4.78
CA LEU A 194 11.56 11.63 -3.38
C LEU A 194 12.70 10.66 -3.08
N SER A 195 12.71 9.51 -3.75
CA SER A 195 13.77 8.52 -3.58
C SER A 195 15.08 8.99 -4.22
N GLY A 196 16.19 8.67 -3.58
CA GLY A 196 17.49 9.00 -4.15
C GLY A 196 18.03 7.96 -5.12
N LYS A 222 23.94 10.27 -2.87
CA LYS A 222 22.94 11.09 -3.54
C LYS A 222 21.92 11.65 -2.55
N ARG A 223 20.97 12.42 -3.06
CA ARG A 223 19.86 12.91 -2.25
C ARG A 223 18.63 13.08 -3.12
N GLY A 224 17.49 12.64 -2.61
CA GLY A 224 16.26 12.75 -3.38
C GLY A 224 15.77 14.19 -3.48
N ASP A 225 14.76 14.38 -4.31
CA ASP A 225 14.18 15.68 -4.56
C ASP A 225 13.10 16.00 -3.53
N ASP A 226 12.88 17.29 -3.31
CA ASP A 226 11.81 17.73 -2.44
C ASP A 226 10.54 17.95 -3.25
N VAL A 227 9.41 17.79 -2.58
CA VAL A 227 8.09 18.08 -3.12
C VAL A 227 7.45 19.13 -2.22
N HIS A 228 7.14 20.30 -2.78
CA HIS A 228 6.46 21.36 -2.07
C HIS A 228 4.98 21.40 -2.46
N LEU A 229 4.09 21.39 -1.46
CA LEU A 229 2.66 21.48 -1.68
C LEU A 229 2.16 22.92 -1.54
N THR A 230 0.93 23.13 -1.99
CA THR A 230 0.17 24.37 -1.81
C THR A 230 -0.54 24.42 -0.48
N ILE A 231 -0.56 23.31 0.26
CA ILE A 231 -1.13 23.26 1.59
C ILE A 231 -0.53 24.37 2.47
N ASP A 232 -1.39 25.03 3.24
CA ASP A 232 -0.96 25.98 4.26
C ASP A 232 -1.19 25.36 5.64
N SER A 233 -0.10 25.06 6.35
CA SER A 233 -0.24 24.39 7.65
C SER A 233 -1.18 25.15 8.59
N ASN A 234 -1.10 26.49 8.62
CA ASN A 234 -2.01 27.25 9.51
C ASN A 234 -3.47 26.98 9.17
N ILE A 235 -3.81 26.90 7.88
CA ILE A 235 -5.20 26.65 7.53
C ILE A 235 -5.55 25.18 7.74
N GLN A 236 -4.59 24.29 7.48
CA GLN A 236 -4.84 22.86 7.70
C GLN A 236 -5.23 22.60 9.16
N VAL A 237 -4.61 23.31 10.10
CA VAL A 237 -4.93 23.14 11.52
C VAL A 237 -6.41 23.42 11.77
N PHE A 238 -6.94 24.52 11.19
CA PHE A 238 -8.37 24.81 11.29
C PHE A 238 -9.23 23.64 10.80
N VAL A 239 -8.77 22.97 9.74
CA VAL A 239 -9.57 21.90 9.16
C VAL A 239 -9.49 20.63 10.02
N GLU A 240 -8.32 20.30 10.55
CA GLU A 240 -8.20 19.13 11.41
C GLU A 240 -9.00 19.31 12.69
N GLU A 241 -9.00 20.52 13.27
CA GLU A 241 -9.75 20.71 14.50
C GLU A 241 -11.25 20.66 14.24
N ALA A 242 -11.71 21.28 13.14
CA ALA A 242 -13.12 21.24 12.81
C ALA A 242 -13.62 19.81 12.54
N LEU A 243 -12.81 18.99 11.86
CA LEU A 243 -13.28 17.63 11.59
C LEU A 243 -13.23 16.75 12.85
N ASP A 244 -12.26 17.00 13.74
CA ASP A 244 -12.28 16.31 15.03
C ASP A 244 -13.59 16.59 15.75
N GLY A 245 -14.06 17.84 15.67
CA GLY A 245 -15.34 18.19 16.31
C GLY A 245 -16.52 17.45 15.71
N MET A 246 -16.59 17.35 14.37
CA MET A 246 -17.69 16.64 13.71
C MET A 246 -17.73 15.17 14.11
N VAL A 247 -16.56 14.54 14.23
CA VAL A 247 -16.54 13.12 14.58
C VAL A 247 -17.07 12.91 15.98
N GLU A 248 -16.54 13.67 16.94
CA GLU A 248 -17.02 13.59 18.31
C GLU A 248 -18.53 13.82 18.37
N ARG A 249 -19.02 14.78 17.59
CA ARG A 249 -20.42 15.18 17.70
C ARG A 249 -21.33 14.25 16.92
N TYR A 250 -20.88 13.76 15.76
CA TYR A 250 -21.77 13.09 14.81
C TYR A 250 -21.39 11.64 14.49
N GLN A 251 -20.18 11.20 14.85
CA GLN A 251 -19.62 9.90 14.47
C GLN A 251 -20.07 9.45 13.08
N PRO A 252 -19.76 10.21 12.03
CA PRO A 252 -20.20 9.83 10.68
C PRO A 252 -19.33 8.75 10.07
N LYS A 253 -19.89 8.09 9.04
CA LYS A 253 -19.14 7.05 8.36
C LYS A 253 -18.06 7.64 7.45
N ASP A 254 -18.31 8.83 6.88
CA ASP A 254 -17.35 9.51 6.03
C ASP A 254 -17.52 11.01 6.23
N LEU A 255 -16.44 11.76 5.99
CA LEU A 255 -16.36 13.19 6.29
C LEU A 255 -15.15 13.77 5.57
N PHE A 256 -15.32 14.94 4.93
CA PHE A 256 -14.19 15.60 4.29
C PHE A 256 -14.39 17.11 4.30
N ALA A 257 -13.27 17.84 4.24
CA ALA A 257 -13.29 19.28 4.09
C ALA A 257 -12.09 19.69 3.23
N VAL A 258 -12.32 20.64 2.34
CA VAL A 258 -11.26 21.13 1.49
C VAL A 258 -11.42 22.63 1.41
N VAL A 259 -10.28 23.36 1.40
CA VAL A 259 -10.21 24.81 1.27
C VAL A 259 -9.41 25.10 0.02
N MET A 260 -10.01 25.82 -0.93
CA MET A 260 -9.33 26.18 -2.17
C MET A 260 -9.31 27.69 -2.34
N ASP A 261 -8.15 28.24 -2.73
CA ASP A 261 -8.08 29.62 -3.19
C ASP A 261 -9.07 29.88 -4.33
N ALA A 262 -9.98 30.85 -4.15
CA ALA A 262 -11.03 31.00 -5.14
C ALA A 262 -10.52 31.53 -6.47
N LYS A 263 -9.34 32.15 -6.49
CA LYS A 263 -8.79 32.81 -7.69
C LYS A 263 -7.63 32.06 -8.33
N THR A 264 -7.05 31.05 -7.68
CA THR A 264 -5.96 30.28 -8.31
C THR A 264 -6.25 28.78 -8.45
N GLY A 265 -7.18 28.23 -7.67
CA GLY A 265 -7.37 26.79 -7.63
C GLY A 265 -6.46 26.05 -6.68
N GLU A 266 -5.55 26.75 -5.99
CA GLU A 266 -4.67 26.09 -5.05
C GLU A 266 -5.47 25.50 -3.90
N ILE A 267 -5.17 24.25 -3.57
CA ILE A 267 -5.72 23.56 -2.42
C ILE A 267 -4.94 24.02 -1.20
N LEU A 268 -5.56 24.85 -0.35
CA LEU A 268 -4.88 25.39 0.82
C LEU A 268 -4.97 24.47 2.05
N ALA A 269 -5.99 23.63 2.15
CA ALA A 269 -6.09 22.66 3.23
C ALA A 269 -7.02 21.55 2.78
N TYR A 270 -6.77 20.33 3.26
CA TYR A 270 -7.61 19.17 2.93
C TYR A 270 -7.43 18.10 4.01
N SER A 271 -8.56 17.50 4.43
CA SER A 271 -8.53 16.35 5.35
C SER A 271 -9.81 15.53 5.18
N GLN A 272 -9.79 14.32 5.74
CA GLN A 272 -10.97 13.46 5.75
C GLN A 272 -10.99 12.62 7.03
N ARG A 273 -12.17 12.05 7.29
CA ARG A 273 -12.38 11.16 8.44
C ARG A 273 -13.23 10.00 7.95
N PRO A 274 -12.91 8.76 8.38
CA PRO A 274 -11.73 8.38 9.17
C PRO A 274 -10.46 8.44 8.34
N THR A 275 -9.32 8.55 9.01
CA THR A 275 -8.03 8.66 8.36
C THR A 275 -7.01 7.95 9.24
N PHE A 276 -5.73 8.09 8.92
CA PHE A 276 -4.68 7.39 9.64
C PHE A 276 -3.63 8.38 10.10
N ASN A 277 -2.72 7.90 10.94
CA ASN A 277 -1.60 8.71 11.40
C ASN A 277 -0.34 8.27 10.67
N PRO A 278 0.18 9.06 9.73
CA PRO A 278 1.38 8.63 8.99
C PRO A 278 2.60 8.42 9.88
N GLU A 279 2.67 9.08 11.03
CA GLU A 279 3.84 8.95 11.87
C GLU A 279 3.90 7.57 12.52
N THR A 280 2.80 7.14 13.13
CA THR A 280 2.75 5.86 13.84
C THR A 280 2.29 4.71 12.96
N GLY A 281 1.58 5.00 11.86
CA GLY A 281 0.95 3.98 11.06
C GLY A 281 -0.41 3.56 11.55
N LYS A 282 -0.89 4.13 12.66
CA LYS A 282 -2.16 3.76 13.25
C LYS A 282 -3.27 3.97 12.22
N ASP A 283 -4.05 2.91 11.98
CA ASP A 283 -5.23 2.86 11.11
C ASP A 283 -4.86 2.90 9.62
N PHE A 284 -3.59 2.77 9.29
CA PHE A 284 -3.21 2.82 7.87
C PHE A 284 -3.69 1.57 7.11
N GLY A 285 -4.31 1.79 5.95
CA GLY A 285 -4.86 0.70 5.19
C GLY A 285 -6.32 0.42 5.44
N LYS A 286 -6.89 0.96 6.51
CA LYS A 286 -8.30 0.69 6.79
C LYS A 286 -9.20 1.32 5.76
N LYS A 287 -8.74 2.40 5.13
CA LYS A 287 -9.44 3.03 4.01
C LYS A 287 -8.41 3.58 3.02
N TRP A 288 -8.32 2.95 1.85
CA TRP A 288 -7.33 3.37 0.88
C TRP A 288 -7.69 4.69 0.19
N ALA A 289 -8.97 5.01 0.10
CA ALA A 289 -9.45 5.99 -0.85
C ALA A 289 -9.30 7.41 -0.32
N ASN A 290 -8.63 8.25 -1.09
CA ASN A 290 -8.60 9.68 -0.81
C ASN A 290 -9.93 10.28 -1.23
N ASP A 291 -10.61 10.96 -0.30
CA ASP A 291 -11.95 11.47 -0.59
C ASP A 291 -11.96 12.52 -1.69
N LEU A 292 -10.92 13.36 -1.76
CA LEU A 292 -10.94 14.47 -2.72
C LEU A 292 -10.88 13.96 -4.15
N TYR A 293 -10.06 12.95 -4.39
CA TYR A 293 -9.74 12.51 -5.73
C TYR A 293 -10.29 11.13 -6.07
N GLN A 294 -10.50 10.24 -5.10
CA GLN A 294 -10.75 8.85 -5.43
C GLN A 294 -12.13 8.36 -5.05
N ASN A 295 -12.80 9.00 -4.09
CA ASN A 295 -14.14 8.62 -3.65
C ASN A 295 -15.18 9.40 -4.46
N THR A 296 -16.35 8.78 -4.66
CA THR A 296 -17.43 9.42 -5.43
C THR A 296 -18.67 9.56 -4.56
N TYR A 297 -19.46 10.59 -4.85
CA TYR A 297 -20.66 10.88 -4.07
C TYR A 297 -21.81 11.22 -5.01
N GLU A 298 -23.01 10.90 -4.59
CA GLU A 298 -24.17 11.56 -5.18
C GLU A 298 -24.28 12.91 -4.48
N PRO A 299 -23.94 14.02 -5.15
CA PRO A 299 -23.73 15.29 -4.42
C PRO A 299 -24.98 15.85 -3.76
N GLY A 300 -26.16 15.60 -4.33
CA GLY A 300 -27.35 16.28 -3.87
C GLY A 300 -27.43 17.70 -4.41
N SER A 301 -28.10 18.56 -3.63
CA SER A 301 -28.57 19.83 -4.12
C SER A 301 -27.46 20.83 -4.43
N THR A 302 -26.21 20.58 -4.02
CA THR A 302 -25.07 21.39 -4.45
C THR A 302 -24.89 21.36 -5.95
N PHE A 303 -25.33 20.28 -6.59
CA PHE A 303 -25.26 20.09 -8.03
C PHE A 303 -26.25 20.99 -8.76
N LYS A 304 -27.25 21.53 -8.06
CA LYS A 304 -28.26 22.35 -8.73
C LYS A 304 -27.66 23.63 -9.32
N SER A 305 -26.55 24.12 -8.77
CA SER A 305 -25.94 25.33 -9.30
C SER A 305 -25.57 25.18 -10.78
N TYR A 306 -25.13 23.99 -11.20
CA TYR A 306 -24.76 23.84 -12.60
C TYR A 306 -26.01 23.73 -13.47
N GLY A 307 -27.04 23.02 -12.98
CA GLY A 307 -28.34 23.10 -13.64
C GLY A 307 -28.83 24.53 -13.75
N LEU A 308 -28.64 25.31 -12.68
CA LEU A 308 -29.04 26.71 -12.68
C LEU A 308 -28.25 27.50 -13.71
N ALA A 309 -26.93 27.31 -13.74
CA ALA A 309 -26.09 28.05 -14.66
C ALA A 309 -26.49 27.78 -16.10
N ALA A 310 -26.69 26.51 -16.45
CA ALA A 310 -27.20 26.17 -17.78
C ALA A 310 -28.52 26.89 -18.06
N ALA A 311 -29.48 26.77 -17.15
CA ALA A 311 -30.78 27.40 -17.39
C ALA A 311 -30.67 28.91 -17.53
N ILE A 312 -29.79 29.54 -16.75
CA ILE A 312 -29.63 30.99 -16.88
C ILE A 312 -29.13 31.33 -18.27
N GLN A 313 -28.09 30.63 -18.72
CA GLN A 313 -27.47 30.93 -20.02
C GLN A 313 -28.40 30.59 -21.19
N GLU A 314 -29.23 29.56 -21.04
CA GLU A 314 -30.17 29.17 -22.09
C GLU A 314 -31.42 30.04 -22.11
N GLY A 315 -31.57 30.99 -21.18
CA GLY A 315 -32.75 31.80 -21.12
C GLY A 315 -33.97 31.12 -20.54
N ALA A 316 -33.79 29.99 -19.85
CA ALA A 316 -34.93 29.28 -19.30
C ALA A 316 -35.22 29.66 -17.86
N PHE A 317 -34.22 30.14 -17.12
CA PHE A 317 -34.42 30.58 -15.74
C PHE A 317 -34.56 32.10 -15.75
N ASP A 318 -35.71 32.58 -15.28
CA ASP A 318 -35.98 34.00 -15.04
C ASP A 318 -36.32 34.12 -13.56
N PRO A 319 -35.58 34.89 -12.78
CA PRO A 319 -35.74 34.82 -11.32
C PRO A 319 -37.14 35.15 -10.83
N ASP A 320 -37.90 35.93 -11.59
CA ASP A 320 -39.19 36.41 -11.11
C ASP A 320 -40.37 35.68 -11.72
N LYS A 321 -40.17 34.93 -12.80
CA LYS A 321 -41.24 34.16 -13.39
C LYS A 321 -41.62 33.00 -12.46
N LYS A 322 -42.92 32.83 -12.25
CA LYS A 322 -43.35 31.79 -11.31
C LYS A 322 -43.36 30.42 -11.99
N TYR A 323 -43.40 29.38 -11.16
CA TYR A 323 -43.50 28.01 -11.64
C TYR A 323 -44.31 27.21 -10.61
N LYS A 324 -44.87 26.10 -11.07
CA LYS A 324 -45.69 25.23 -10.23
C LYS A 324 -44.78 24.28 -9.44
N SER A 325 -44.70 24.49 -8.12
CA SER A 325 -43.97 23.54 -7.29
C SER A 325 -44.89 22.41 -6.88
N GLY A 326 -44.36 21.47 -6.11
CA GLY A 326 -45.15 20.35 -5.63
C GLY A 326 -44.53 19.00 -5.96
N HIS A 327 -44.75 18.53 -7.19
CA HIS A 327 -44.23 17.22 -7.61
C HIS A 327 -44.23 17.18 -9.14
N ARG A 328 -43.53 16.17 -9.66
CA ARG A 328 -43.64 15.82 -11.07
C ARG A 328 -43.69 14.31 -11.15
N ASP A 329 -44.45 13.82 -12.13
CA ASP A 329 -44.59 12.37 -12.33
C ASP A 329 -43.65 11.96 -13.47
N ILE A 330 -42.65 11.16 -13.12
CA ILE A 330 -41.52 10.81 -14.00
C ILE A 330 -41.48 9.28 -14.11
N MET A 331 -41.78 8.75 -15.30
CA MET A 331 -41.81 7.30 -15.53
C MET A 331 -42.56 6.55 -14.42
N GLY A 332 -43.68 7.10 -13.98
CA GLY A 332 -44.47 6.41 -12.98
C GLY A 332 -44.03 6.61 -11.54
N SER A 333 -42.94 7.33 -11.30
CA SER A 333 -42.53 7.68 -9.95
C SER A 333 -42.85 9.15 -9.68
N ARG A 334 -43.35 9.42 -8.47
CA ARG A 334 -43.67 10.79 -8.06
C ARG A 334 -42.44 11.36 -7.37
N ILE A 335 -41.83 12.36 -7.99
CA ILE A 335 -40.69 13.09 -7.43
C ILE A 335 -41.23 14.42 -6.93
N SER A 336 -41.08 14.71 -5.64
CA SER A 336 -41.66 15.90 -5.09
C SER A 336 -40.61 16.76 -4.40
N ASP A 337 -40.98 18.01 -4.12
CA ASP A 337 -40.12 18.85 -3.34
C ASP A 337 -39.95 18.27 -1.94
N TRP A 338 -38.89 18.71 -1.25
CA TRP A 338 -38.52 18.07 0.01
C TRP A 338 -39.62 18.16 1.08
N ASN A 339 -40.55 19.10 0.97
CA ASN A 339 -41.64 19.22 1.94
C ASN A 339 -42.92 18.54 1.46
N ARG A 340 -42.82 17.76 0.38
CA ARG A 340 -43.88 16.88 -0.13
C ARG A 340 -44.98 17.65 -0.87
N VAL A 341 -45.29 18.85 -0.41
CA VAL A 341 -46.41 19.61 -0.92
C VAL A 341 -45.99 20.82 -1.77
N GLY A 342 -44.77 21.32 -1.60
CA GLY A 342 -44.35 22.48 -2.35
C GLY A 342 -44.85 23.74 -1.69
N TRP A 343 -44.86 24.83 -2.46
CA TRP A 343 -45.24 26.15 -1.96
C TRP A 343 -46.21 26.84 -2.89
N GLY A 344 -46.87 26.10 -3.77
CA GLY A 344 -47.79 26.71 -4.70
C GLY A 344 -47.06 27.30 -5.90
N GLU A 345 -47.60 28.40 -6.40
CA GLU A 345 -47.03 29.11 -7.54
C GLU A 345 -46.03 30.14 -7.03
N ILE A 346 -44.74 29.83 -7.13
CA ILE A 346 -43.69 30.69 -6.57
C ILE A 346 -42.69 31.04 -7.66
N PRO A 347 -41.98 32.15 -7.48
CA PRO A 347 -40.94 32.53 -8.46
C PRO A 347 -39.75 31.58 -8.43
N MET A 348 -39.06 31.51 -9.56
CA MET A 348 -37.94 30.58 -9.71
C MET A 348 -36.82 30.90 -8.73
N SER A 349 -36.55 32.19 -8.48
CA SER A 349 -35.54 32.57 -7.50
C SER A 349 -35.84 31.95 -6.14
N LEU A 350 -37.09 32.07 -5.68
CA LEU A 350 -37.46 31.46 -4.41
C LEU A 350 -37.41 29.94 -4.49
N GLY A 351 -37.76 29.37 -5.64
CA GLY A 351 -37.56 27.95 -5.86
C GLY A 351 -36.15 27.50 -5.53
N PHE A 352 -35.15 28.26 -5.98
CA PHE A 352 -33.76 27.85 -5.76
C PHE A 352 -33.36 28.04 -4.29
N THR A 353 -33.82 29.14 -3.66
CA THR A 353 -33.55 29.36 -2.23
C THR A 353 -34.05 28.20 -1.38
N TYR A 354 -35.20 27.64 -1.75
CA TYR A 354 -35.84 26.52 -1.06
C TYR A 354 -35.24 25.17 -1.44
N SER A 355 -34.35 25.13 -2.42
CA SER A 355 -33.84 23.87 -2.98
C SER A 355 -34.99 23.02 -3.50
N SER A 356 -35.75 23.61 -4.41
CA SER A 356 -36.90 22.95 -5.03
C SER A 356 -36.44 21.93 -6.06
N ASN A 357 -36.86 20.68 -5.88
CA ASN A 357 -36.57 19.66 -6.89
C ASN A 357 -37.37 19.90 -8.17
N THR A 358 -38.61 20.37 -8.05
CA THR A 358 -39.45 20.52 -9.23
C THR A 358 -38.99 21.69 -10.10
N LEU A 359 -38.39 22.72 -9.49
CA LEU A 359 -37.74 23.77 -10.27
C LEU A 359 -36.69 23.20 -11.22
N MET A 360 -35.73 22.45 -10.66
CA MET A 360 -34.67 21.86 -11.48
C MET A 360 -35.25 20.94 -12.56
N MET A 361 -36.31 20.20 -12.21
CA MET A 361 -36.92 19.31 -13.19
C MET A 361 -37.63 20.10 -14.27
N HIS A 362 -38.33 21.16 -13.88
CA HIS A 362 -38.98 22.04 -14.83
C HIS A 362 -37.96 22.71 -15.75
N LEU A 363 -36.87 23.23 -15.17
CA LEU A 363 -35.84 23.85 -15.99
C LEU A 363 -35.25 22.83 -16.95
N GLN A 364 -35.02 21.60 -16.48
CA GLN A 364 -34.45 20.59 -17.39
C GLN A 364 -35.38 20.36 -18.58
N ASP A 365 -36.69 20.32 -18.34
CA ASP A 365 -37.65 20.20 -19.43
C ASP A 365 -37.54 21.37 -20.41
N LEU A 366 -37.31 22.57 -19.90
CA LEU A 366 -37.24 23.73 -20.79
C LEU A 366 -35.98 23.68 -21.64
N VAL A 367 -34.85 23.26 -21.05
CA VAL A 367 -33.58 23.24 -21.77
C VAL A 367 -33.52 22.04 -22.73
N GLY A 368 -33.99 20.89 -22.29
CA GLY A 368 -33.95 19.68 -23.08
C GLY A 368 -32.96 18.71 -22.46
N ALA A 369 -33.32 17.43 -22.45
CA ALA A 369 -32.47 16.44 -21.78
C ALA A 369 -31.12 16.33 -22.49
N ASP A 370 -31.13 16.32 -23.82
CA ASP A 370 -29.89 16.23 -24.57
C ASP A 370 -28.99 17.44 -24.30
N LYS A 371 -29.57 18.64 -24.32
CA LYS A 371 -28.74 19.81 -24.08
C LYS A 371 -28.22 19.84 -22.64
N MET A 372 -28.99 19.31 -21.68
CA MET A 372 -28.55 19.36 -20.29
C MET A 372 -27.38 18.42 -20.05
N LYS A 373 -27.39 17.24 -20.69
CA LYS A 373 -26.27 16.32 -20.51
C LYS A 373 -24.96 16.95 -20.97
N SER A 374 -24.99 17.60 -22.12
CA SER A 374 -23.80 18.28 -22.62
C SER A 374 -23.37 19.38 -21.65
N TRP A 375 -24.33 20.11 -21.07
CA TRP A 375 -24.00 21.15 -20.11
C TRP A 375 -23.18 20.59 -18.95
N TYR A 376 -23.63 19.48 -18.34
CA TYR A 376 -22.90 18.90 -17.23
C TYR A 376 -21.51 18.42 -17.65
N GLU A 377 -21.36 17.99 -18.91
CA GLU A 377 -20.03 17.63 -19.42
C GLU A 377 -19.13 18.86 -19.57
N ARG A 378 -19.66 19.96 -20.13
CA ARG A 378 -18.85 21.17 -20.20
C ARG A 378 -18.48 21.69 -18.81
N PHE A 379 -19.23 21.31 -17.78
CA PHE A 379 -18.82 21.66 -16.43
C PHE A 379 -17.79 20.69 -15.87
N GLY A 380 -17.29 19.77 -16.70
CA GLY A 380 -16.22 18.90 -16.31
C GLY A 380 -16.63 17.63 -15.63
N PHE A 381 -17.94 17.36 -15.52
CA PHE A 381 -18.42 16.17 -14.83
C PHE A 381 -18.35 14.97 -15.77
N GLY A 382 -18.29 13.78 -15.16
CA GLY A 382 -18.17 12.56 -15.92
C GLY A 382 -16.76 12.21 -16.36
N LYS A 383 -15.79 13.11 -16.19
CA LYS A 383 -14.41 12.82 -16.51
C LYS A 383 -13.50 13.33 -15.40
N SER A 384 -12.31 12.71 -15.33
CA SER A 384 -11.25 13.12 -14.42
C SER A 384 -10.84 14.57 -14.67
N THR A 385 -10.44 15.27 -13.61
CA THR A 385 -9.87 16.61 -13.78
C THR A 385 -8.40 16.58 -14.18
N LYS A 386 -7.81 15.39 -14.28
CA LYS A 386 -6.41 15.22 -14.70
C LYS A 386 -5.45 15.86 -13.69
N GLY A 387 -5.79 15.82 -12.41
CA GLY A 387 -4.88 16.24 -11.37
C GLY A 387 -3.71 15.27 -11.23
N MET A 388 -2.95 15.48 -10.17
CA MET A 388 -1.73 14.71 -9.95
C MET A 388 -1.88 13.59 -8.93
N PHE A 389 -3.08 13.32 -8.45
CA PHE A 389 -3.30 12.19 -7.57
C PHE A 389 -3.48 10.94 -8.43
N ASP A 390 -3.10 9.79 -7.86
CA ASP A 390 -3.23 8.51 -8.55
C ASP A 390 -4.66 8.02 -8.56
N GLY A 391 -5.01 7.31 -9.63
CA GLY A 391 -6.34 6.70 -9.71
C GLY A 391 -7.49 7.66 -9.47
N GLU A 392 -7.40 8.87 -10.02
CA GLU A 392 -8.49 9.84 -9.85
C GLU A 392 -9.76 9.28 -10.46
N ALA A 393 -10.87 9.37 -9.70
CA ALA A 393 -12.13 8.80 -10.18
C ALA A 393 -12.76 9.72 -11.23
N PRO A 394 -13.47 9.16 -12.23
CA PRO A 394 -14.16 10.01 -13.21
C PRO A 394 -15.58 10.36 -12.83
N GLY A 395 -16.19 9.59 -11.93
CA GLY A 395 -17.61 9.78 -11.70
C GLY A 395 -18.40 9.34 -12.92
N GLN A 396 -19.68 9.69 -12.93
CA GLN A 396 -20.49 9.43 -14.11
C GLN A 396 -21.78 10.23 -14.07
N ILE A 397 -22.19 10.71 -15.24
CA ILE A 397 -23.45 11.43 -15.39
C ILE A 397 -24.56 10.39 -15.58
N GLY A 398 -25.50 10.35 -14.63
CA GLY A 398 -26.57 9.37 -14.67
C GLY A 398 -27.63 9.81 -15.64
N TRP A 399 -27.62 9.21 -16.84
CA TRP A 399 -28.48 9.69 -17.92
C TRP A 399 -29.18 8.57 -18.70
N SER A 400 -29.30 7.36 -18.15
CA SER A 400 -29.77 6.24 -18.97
C SER A 400 -31.18 6.47 -19.47
N ASN A 401 -32.10 6.82 -18.56
CA ASN A 401 -33.51 7.05 -18.84
C ASN A 401 -33.93 8.36 -18.17
N GLU A 402 -35.19 8.73 -18.37
CA GLU A 402 -35.68 10.02 -17.90
C GLU A 402 -35.67 10.11 -16.38
N LEU A 403 -35.89 8.99 -15.68
CA LEU A 403 -35.86 9.03 -14.22
C LEU A 403 -34.45 9.31 -13.70
N GLN A 404 -33.44 8.75 -14.37
CA GLN A 404 -32.07 9.10 -14.02
C GLN A 404 -31.76 10.56 -14.36
N GLN A 405 -32.20 11.01 -15.54
CA GLN A 405 -31.98 12.40 -15.92
C GLN A 405 -32.58 13.35 -14.91
N LYS A 406 -33.85 13.14 -14.58
CA LYS A 406 -34.59 14.08 -13.73
C LYS A 406 -34.04 14.11 -12.32
N THR A 407 -33.63 12.95 -11.78
CA THR A 407 -33.03 12.95 -10.46
C THR A 407 -31.62 13.53 -10.49
N SER A 408 -30.94 13.45 -11.63
CA SER A 408 -29.63 14.08 -11.77
C SER A 408 -29.73 15.60 -11.66
N SER A 409 -30.88 16.18 -12.04
CA SER A 409 -31.01 17.63 -11.97
C SER A 409 -30.83 18.13 -10.53
N PHE A 410 -31.11 17.30 -9.52
CA PHE A 410 -30.85 17.66 -8.13
C PHE A 410 -29.80 16.77 -7.48
N GLY A 411 -28.89 16.22 -8.28
CA GLY A 411 -27.68 15.62 -7.73
C GLY A 411 -27.79 14.21 -7.18
N GLN A 412 -28.80 13.43 -7.59
CA GLN A 412 -28.82 12.00 -7.33
C GLN A 412 -28.62 11.26 -8.65
N SER A 413 -28.38 9.95 -8.55
CA SER A 413 -28.03 9.10 -9.69
C SER A 413 -26.63 9.44 -10.21
N THR A 414 -26.41 10.68 -10.62
CA THR A 414 -25.07 11.15 -10.99
C THR A 414 -24.14 11.11 -9.79
N THR A 415 -22.91 10.64 -10.02
CA THR A 415 -21.87 10.62 -9.00
C THR A 415 -20.73 11.55 -9.39
N VAL A 416 -20.12 12.18 -8.40
CA VAL A 416 -19.06 13.16 -8.65
C VAL A 416 -17.96 12.94 -7.61
N THR A 417 -16.81 13.50 -7.89
CA THR A 417 -15.75 13.62 -6.91
C THR A 417 -15.75 15.03 -6.34
N PRO A 418 -15.32 15.23 -5.09
CA PRO A 418 -15.28 16.61 -4.55
C PRO A 418 -14.42 17.56 -5.39
N VAL A 419 -13.37 17.06 -6.05
CA VAL A 419 -12.49 17.93 -6.83
C VAL A 419 -13.21 18.45 -8.09
N GLN A 420 -14.08 17.63 -8.70
CA GLN A 420 -14.93 18.09 -9.80
C GLN A 420 -15.87 19.19 -9.36
N MET A 421 -16.38 19.09 -8.14
CA MET A 421 -17.27 20.14 -7.63
C MET A 421 -16.51 21.44 -7.42
N LEU A 422 -15.28 21.38 -6.89
CA LEU A 422 -14.47 22.59 -6.76
C LEU A 422 -14.17 23.19 -8.11
N GLN A 423 -13.87 22.32 -9.09
CA GLN A 423 -13.55 22.82 -10.41
C GLN A 423 -14.74 23.54 -11.03
N ALA A 424 -15.92 22.90 -10.99
CA ALA A 424 -17.10 23.52 -11.60
C ALA A 424 -17.49 24.79 -10.83
N GLN A 425 -17.47 24.75 -9.50
CA GLN A 425 -17.90 25.90 -8.72
C GLN A 425 -17.04 27.13 -8.99
N SER A 426 -15.74 26.95 -9.25
CA SER A 426 -14.86 28.08 -9.48
C SER A 426 -15.27 28.92 -10.70
N ALA A 427 -16.08 28.39 -11.61
CA ALA A 427 -16.50 29.20 -12.76
C ALA A 427 -17.26 30.44 -12.32
N PHE A 428 -18.03 30.36 -11.22
CA PHE A 428 -18.84 31.50 -10.86
C PHE A 428 -18.02 32.67 -10.34
N PHE A 429 -16.73 32.47 -10.01
CA PHE A 429 -15.92 33.53 -9.42
C PHE A 429 -14.71 33.89 -10.26
N ASN A 430 -14.66 33.41 -11.50
CA ASN A 430 -13.58 33.74 -12.43
C ASN A 430 -14.15 34.01 -13.82
N ASP A 431 -15.25 34.77 -13.87
CA ASP A 431 -15.87 35.20 -15.11
C ASP A 431 -16.29 34.03 -16.00
N GLY A 432 -16.61 32.89 -15.39
CA GLY A 432 -17.04 31.72 -16.12
C GLY A 432 -15.96 30.70 -16.36
N ASN A 433 -14.68 31.04 -16.13
CA ASN A 433 -13.57 30.11 -16.31
C ASN A 433 -13.45 29.17 -15.13
N MET A 434 -13.60 27.87 -15.38
CA MET A 434 -13.27 26.88 -14.35
C MET A 434 -11.76 26.87 -14.12
N LEU A 435 -11.38 26.77 -12.86
CA LEU A 435 -9.98 26.61 -12.50
C LEU A 435 -9.71 25.14 -12.23
N LYS A 436 -8.64 24.63 -12.80
CA LYS A 436 -8.23 23.28 -12.49
C LYS A 436 -7.62 23.27 -11.09
N PRO A 437 -8.20 22.57 -10.11
CA PRO A 437 -7.61 22.54 -8.76
C PRO A 437 -6.23 21.93 -8.79
N TRP A 438 -5.37 22.36 -7.85
CA TRP A 438 -4.00 21.86 -7.83
C TRP A 438 -3.39 22.01 -6.43
N PHE A 439 -2.48 21.08 -6.12
CA PHE A 439 -1.90 20.97 -4.80
C PHE A 439 -0.39 20.76 -4.79
N VAL A 440 0.25 20.61 -5.95
CA VAL A 440 1.69 20.45 -6.02
C VAL A 440 2.31 21.74 -6.52
N ASN A 441 3.16 22.34 -5.70
CA ASN A 441 3.75 23.59 -6.13
C ASN A 441 5.08 23.39 -6.81
N SER A 442 5.91 22.46 -6.33
CA SER A 442 7.24 22.34 -6.89
C SER A 442 7.77 20.94 -6.60
N VAL A 443 8.51 20.39 -7.54
CA VAL A 443 9.39 19.26 -7.30
C VAL A 443 10.76 19.72 -7.75
N GLU A 444 11.72 19.69 -6.83
CA GLU A 444 13.02 20.28 -7.09
C GLU A 444 14.06 19.59 -6.22
N ASN A 445 15.32 19.70 -6.62
CA ASN A 445 16.38 19.09 -5.83
C ASN A 445 17.21 20.16 -5.14
N PRO A 446 17.33 20.12 -3.80
CA PRO A 446 18.04 21.19 -3.07
C PRO A 446 19.56 21.18 -3.24
N VAL A 447 20.15 20.13 -3.81
CA VAL A 447 21.59 20.09 -4.04
C VAL A 447 21.91 20.69 -5.39
N SER A 448 21.30 20.14 -6.45
CA SER A 448 21.57 20.61 -7.79
C SER A 448 20.81 21.87 -8.15
N LYS A 449 19.70 22.14 -7.47
CA LYS A 449 18.78 23.26 -7.73
C LYS A 449 17.93 23.01 -8.96
N ARG A 450 17.98 21.82 -9.54
CA ARG A 450 17.12 21.52 -10.67
C ARG A 450 15.67 21.52 -10.24
N GLN A 451 14.82 22.20 -11.00
CA GLN A 451 13.39 22.15 -10.76
C GLN A 451 12.79 21.23 -11.79
N PHE A 452 12.17 20.15 -11.34
CA PHE A 452 11.58 19.23 -12.28
C PHE A 452 10.17 19.65 -12.68
N TYR A 453 9.45 20.32 -11.78
CA TYR A 453 8.05 20.64 -12.01
C TYR A 453 7.65 21.87 -11.20
N LYS A 454 6.80 22.70 -11.79
CA LYS A 454 6.26 23.86 -11.10
C LYS A 454 4.78 23.99 -11.39
N GLY A 455 3.95 23.98 -10.35
CA GLY A 455 2.51 24.08 -10.53
C GLY A 455 2.07 25.49 -10.93
N GLN A 456 0.88 25.57 -11.50
CA GLN A 456 0.38 26.88 -11.91
C GLN A 456 -1.14 26.80 -12.04
N LYS A 457 -1.74 28.00 -11.95
CA LYS A 457 -3.14 28.20 -12.28
C LYS A 457 -3.41 27.78 -13.71
N GLN A 458 -4.53 27.09 -13.91
CA GLN A 458 -4.88 26.59 -15.23
C GLN A 458 -6.39 26.57 -15.41
N ILE A 459 -6.82 27.04 -16.57
CA ILE A 459 -8.23 27.12 -16.89
C ILE A 459 -8.67 25.77 -17.44
N ALA A 460 -9.62 25.11 -16.75
CA ALA A 460 -10.14 23.85 -17.27
C ALA A 460 -11.19 24.03 -18.35
N GLY A 461 -11.66 25.24 -18.58
CA GLY A 461 -12.71 25.48 -19.55
C GLY A 461 -13.57 26.63 -19.09
N LYS A 462 -14.25 27.25 -20.06
CA LYS A 462 -15.15 28.38 -19.80
C LYS A 462 -16.54 27.98 -20.27
N PRO A 463 -17.31 27.27 -19.44
CA PRO A 463 -18.64 26.83 -19.88
C PRO A 463 -19.71 27.91 -19.84
N ILE A 464 -19.54 28.97 -19.07
CA ILE A 464 -20.58 30.00 -18.97
C ILE A 464 -19.97 31.37 -19.20
N THR A 465 -20.83 32.33 -19.51
CA THR A 465 -20.40 33.70 -19.70
C THR A 465 -20.27 34.42 -18.37
N LYS A 466 -19.56 35.55 -18.39
CA LYS A 466 -19.43 36.41 -17.23
C LYS A 466 -20.79 36.77 -16.66
N ASP A 467 -21.74 37.11 -17.54
CA ASP A 467 -23.09 37.46 -17.10
C ASP A 467 -23.78 36.28 -16.39
N THR A 468 -23.70 35.08 -16.95
CA THR A 468 -24.31 33.92 -16.28
C THR A 468 -23.70 33.67 -14.91
N ALA A 469 -22.37 33.78 -14.80
CA ALA A 469 -21.71 33.61 -13.52
C ALA A 469 -22.28 34.57 -12.47
N GLU A 470 -22.44 35.84 -12.85
CA GLU A 470 -22.97 36.83 -11.91
C GLU A 470 -24.37 36.46 -11.45
N LYS A 471 -25.21 35.97 -12.36
CA LYS A 471 -26.59 35.62 -11.97
C LYS A 471 -26.63 34.35 -11.12
N VAL A 472 -25.72 33.39 -11.33
CA VAL A 472 -25.59 32.29 -10.38
C VAL A 472 -25.21 32.81 -9.00
N GLU A 473 -24.20 33.67 -8.94
CA GLU A 473 -23.73 34.20 -7.68
C GLU A 473 -24.85 34.93 -6.93
N LYS A 474 -25.73 35.61 -7.65
CA LYS A 474 -26.83 36.27 -6.96
C LYS A 474 -27.73 35.26 -6.26
N GLN A 475 -27.95 34.09 -6.87
CA GLN A 475 -28.83 33.11 -6.24
C GLN A 475 -28.15 32.43 -5.05
N LEU A 476 -26.84 32.16 -5.16
CA LEU A 476 -26.08 31.60 -4.05
C LEU A 476 -26.10 32.51 -2.84
N ASP A 477 -25.97 33.84 -3.08
CA ASP A 477 -26.10 34.83 -2.01
C ASP A 477 -27.43 34.66 -1.29
N LEU A 478 -28.53 34.63 -2.06
CA LEU A 478 -29.86 34.55 -1.49
C LEU A 478 -30.06 33.25 -0.70
N VAL A 479 -29.46 32.14 -1.15
CA VAL A 479 -29.64 30.86 -0.47
C VAL A 479 -29.32 30.99 1.02
N VAL A 480 -28.26 31.72 1.34
CA VAL A 480 -27.84 31.86 2.73
C VAL A 480 -28.54 33.05 3.42
N ASN A 481 -28.89 34.09 2.67
CA ASN A 481 -29.23 35.39 3.23
C ASN A 481 -30.64 35.89 2.91
N SER A 482 -31.43 35.13 2.15
CA SER A 482 -32.85 35.47 2.01
C SER A 482 -33.50 35.47 3.39
N LYS A 483 -34.49 36.35 3.56
CA LYS A 483 -35.35 36.28 4.74
C LYS A 483 -35.94 34.89 4.90
N LYS A 484 -36.28 34.24 3.78
CA LYS A 484 -36.87 32.90 3.77
C LYS A 484 -35.83 31.79 3.75
N SER A 485 -34.57 32.09 4.03
CA SER A 485 -33.51 31.09 3.92
C SER A 485 -33.68 29.99 4.96
N HIS A 486 -33.21 28.79 4.59
CA HIS A 486 -33.07 27.70 5.56
C HIS A 486 -31.61 27.30 5.74
N ALA A 487 -30.70 28.23 5.46
CA ALA A 487 -29.27 28.00 5.61
C ALA A 487 -28.64 29.08 6.51
N ALA A 488 -29.45 29.67 7.39
CA ALA A 488 -28.94 30.72 8.26
C ALA A 488 -27.92 30.20 9.25
N ASN A 489 -27.86 28.89 9.47
CA ASN A 489 -26.83 28.33 10.34
C ASN A 489 -25.44 28.39 9.72
N TYR A 490 -25.32 28.72 8.42
CA TYR A 490 -24.01 28.89 7.82
C TYR A 490 -23.51 30.34 7.87
N ARG A 491 -24.35 31.29 8.27
CA ARG A 491 -23.91 32.67 8.48
C ARG A 491 -22.79 32.74 9.52
N ILE A 492 -21.81 33.59 9.25
CA ILE A 492 -20.74 33.89 10.20
C ILE A 492 -20.84 35.36 10.60
N ASP A 493 -20.65 35.63 11.89
CA ASP A 493 -20.74 36.99 12.41
C ASP A 493 -19.57 37.83 11.90
N GLY A 494 -19.89 38.91 11.18
CA GLY A 494 -18.90 39.79 10.62
C GLY A 494 -18.43 39.48 9.21
N TYR A 495 -18.84 38.35 8.63
CA TYR A 495 -18.43 37.95 7.28
C TYR A 495 -19.62 37.59 6.42
N GLU A 496 -19.62 38.07 5.19
CA GLU A 496 -20.70 37.79 4.26
C GLU A 496 -20.45 36.46 3.57
N VAL A 497 -21.39 35.53 3.72
CA VAL A 497 -21.22 34.15 3.27
C VAL A 497 -22.27 33.85 2.20
N GLU A 498 -21.89 32.99 1.24
CA GLU A 498 -22.84 32.47 0.28
C GLU A 498 -22.49 31.02 -0.04
N GLY A 499 -23.41 30.34 -0.71
CA GLY A 499 -23.14 29.00 -1.17
C GLY A 499 -24.42 28.24 -1.38
N LYS A 500 -24.26 26.91 -1.43
CA LYS A 500 -25.37 25.98 -1.63
C LYS A 500 -25.26 24.82 -0.65
N THR A 501 -26.40 24.43 -0.08
CA THR A 501 -26.54 23.30 0.81
C THR A 501 -26.89 22.04 0.03
N GLY A 502 -26.64 20.89 0.66
CA GLY A 502 -27.07 19.63 0.11
C GLY A 502 -27.44 18.67 1.20
N THR A 503 -28.54 17.92 1.01
CA THR A 503 -28.96 16.87 1.94
C THR A 503 -29.39 15.68 1.08
N ALA A 504 -28.41 14.84 0.72
CA ALA A 504 -28.58 13.82 -0.30
C ALA A 504 -28.71 12.43 0.31
N GLN A 505 -29.48 11.57 -0.37
CA GLN A 505 -29.52 10.17 0.01
C GLN A 505 -28.27 9.43 -0.50
N VAL A 506 -27.96 8.32 0.17
CA VAL A 506 -26.67 7.64 -0.01
C VAL A 506 -26.94 6.22 -0.50
N ALA A 507 -26.29 5.84 -1.59
CA ALA A 507 -26.55 4.53 -2.16
C ALA A 507 -25.94 3.44 -1.28
N ALA A 508 -26.73 2.41 -1.01
CA ALA A 508 -26.26 1.25 -0.25
C ALA A 508 -25.15 0.54 -1.03
N PRO A 509 -23.99 0.30 -0.42
CA PRO A 509 -22.88 -0.30 -1.19
C PRO A 509 -23.18 -1.71 -1.66
N ASN A 510 -24.00 -2.45 -0.94
CA ASN A 510 -24.43 -3.78 -1.34
C ASN A 510 -25.95 -3.81 -1.23
N GLY A 511 -26.59 -4.59 -2.11
CA GLY A 511 -28.00 -4.42 -2.35
C GLY A 511 -28.23 -3.26 -3.30
N GLY A 512 -29.49 -3.06 -3.69
CA GLY A 512 -29.74 -2.07 -4.71
C GLY A 512 -30.73 -0.97 -4.40
N GLY A 513 -30.48 -0.20 -3.36
CA GLY A 513 -31.34 0.91 -3.01
C GLY A 513 -30.55 2.04 -2.36
N TYR A 514 -31.23 2.81 -1.52
CA TYR A 514 -30.58 3.84 -0.71
C TYR A 514 -30.47 3.33 0.72
N VAL A 515 -29.46 3.84 1.44
CA VAL A 515 -29.34 3.51 2.85
C VAL A 515 -30.61 3.98 3.55
N LYS A 516 -31.24 3.08 4.28
CA LYS A 516 -32.49 3.40 4.96
C LYS A 516 -32.19 3.86 6.39
N GLY A 517 -33.17 4.54 6.98
CA GLY A 517 -33.03 4.99 8.34
C GLY A 517 -33.65 6.36 8.57
N PRO A 518 -33.57 6.84 9.80
CA PRO A 518 -34.27 8.11 10.13
C PRO A 518 -33.72 9.32 9.40
N ASN A 519 -32.40 9.44 9.23
CA ASN A 519 -31.79 10.55 8.51
C ASN A 519 -30.54 10.05 7.80
N PRO A 520 -30.72 9.22 6.76
CA PRO A 520 -29.55 8.57 6.13
C PRO A 520 -28.98 9.41 5.01
N TYR A 521 -28.32 10.51 5.38
CA TYR A 521 -28.01 11.58 4.45
C TYR A 521 -26.52 11.84 4.36
N PHE A 522 -26.08 12.19 3.15
CA PHE A 522 -24.82 12.87 2.92
C PHE A 522 -25.11 14.38 2.87
N VAL A 523 -24.73 15.10 3.91
CA VAL A 523 -25.01 16.53 4.01
C VAL A 523 -23.74 17.32 3.69
N SER A 524 -23.89 18.42 2.95
CA SER A 524 -22.73 19.15 2.49
C SER A 524 -23.07 20.62 2.26
N PHE A 525 -22.02 21.43 2.11
CA PHE A 525 -22.15 22.85 1.81
C PHE A 525 -21.00 23.26 0.90
N MET A 526 -21.35 23.88 -0.21
CA MET A 526 -20.37 24.45 -1.13
C MET A 526 -20.40 25.97 -0.93
N GLY A 527 -19.53 26.46 -0.05
CA GLY A 527 -19.56 27.86 0.31
C GLY A 527 -18.32 28.65 -0.03
N ASP A 528 -18.48 29.97 -0.10
CA ASP A 528 -17.39 30.87 -0.44
C ASP A 528 -17.64 32.19 0.29
N ALA A 529 -16.55 32.90 0.61
CA ALA A 529 -16.64 34.16 1.34
C ALA A 529 -15.37 34.95 1.13
N PRO A 530 -15.43 36.29 1.15
CA PRO A 530 -16.67 37.09 1.19
C PRO A 530 -17.49 36.87 -0.06
N LYS A 531 -18.81 37.02 0.03
CA LYS A 531 -19.63 36.82 -1.15
C LYS A 531 -19.24 37.80 -2.26
N LYS A 532 -19.60 37.40 -3.49
CA LYS A 532 -19.30 38.15 -4.75
C LYS A 532 -17.84 37.95 -5.14
N ASN A 533 -16.92 38.40 -4.31
CA ASN A 533 -15.47 38.29 -4.55
C ASN A 533 -14.77 37.45 -3.46
N PRO A 534 -14.97 36.13 -3.46
CA PRO A 534 -14.47 35.33 -2.32
C PRO A 534 -12.97 35.18 -2.39
N LYS A 535 -12.35 34.96 -1.22
CA LYS A 535 -10.95 34.59 -1.17
C LYS A 535 -10.77 33.08 -1.31
N VAL A 536 -11.60 32.29 -0.65
CA VAL A 536 -11.45 30.85 -0.67
C VAL A 536 -12.83 30.23 -0.87
N ILE A 537 -12.83 29.03 -1.39
CA ILE A 537 -14.02 28.19 -1.40
C ILE A 537 -13.81 27.12 -0.34
N VAL A 538 -14.85 26.84 0.44
CA VAL A 538 -14.80 25.79 1.44
C VAL A 538 -15.92 24.81 1.13
N TYR A 539 -15.55 23.56 0.85
CA TYR A 539 -16.48 22.49 0.54
C TYR A 539 -16.31 21.44 1.63
N ALA A 540 -17.38 21.19 2.37
CA ALA A 540 -17.39 20.18 3.42
C ALA A 540 -18.55 19.24 3.16
N GLY A 541 -18.37 17.98 3.51
CA GLY A 541 -19.37 16.95 3.30
C GLY A 541 -19.30 15.87 4.35
N MET A 542 -20.46 15.44 4.85
CA MET A 542 -20.54 14.45 5.91
C MET A 542 -21.54 13.38 5.53
N SER A 543 -21.10 12.12 5.52
CA SER A 543 -21.91 11.01 5.05
C SER A 543 -22.33 10.14 6.22
N LEU A 544 -23.64 10.08 6.48
CA LEU A 544 -24.27 9.08 7.35
C LEU A 544 -23.78 9.19 8.80
N ALA A 545 -24.16 10.29 9.44
CA ALA A 545 -23.94 10.42 10.89
C ALA A 545 -24.66 9.32 11.65
N GLN A 546 -23.93 8.65 12.56
CA GLN A 546 -24.46 7.61 13.43
C GLN A 546 -24.82 8.12 14.83
N LYS A 547 -24.36 9.31 15.19
CA LYS A 547 -24.72 9.97 16.44
C LYS A 547 -25.29 11.34 16.08
N ASN A 548 -26.41 11.70 16.72
CA ASN A 548 -27.03 13.01 16.52
C ASN A 548 -27.46 13.20 15.05
N ASP A 549 -28.09 12.17 14.48
CA ASP A 549 -28.40 12.24 13.05
C ASP A 549 -29.50 13.27 12.72
N GLN A 550 -30.43 13.52 13.64
CA GLN A 550 -31.39 14.60 13.46
C GLN A 550 -30.69 15.95 13.35
N GLU A 551 -29.74 16.22 14.25
CA GLU A 551 -29.05 17.50 14.20
C GLU A 551 -28.21 17.62 12.93
N ALA A 552 -27.66 16.51 12.45
CA ALA A 552 -26.88 16.57 11.21
C ALA A 552 -27.77 16.93 10.04
N TYR A 553 -29.01 16.42 10.04
CA TYR A 553 -29.98 16.81 9.01
C TYR A 553 -30.31 18.29 9.08
N GLU A 554 -30.48 18.84 10.29
CA GLU A 554 -30.87 20.24 10.42
C GLU A 554 -29.71 21.19 10.17
N LEU A 555 -28.53 20.89 10.71
CA LEU A 555 -27.41 21.82 10.70
C LEU A 555 -26.40 21.53 9.58
N GLY A 556 -26.54 20.39 8.90
CA GLY A 556 -25.61 20.05 7.84
C GLY A 556 -24.19 20.00 8.36
N VAL A 557 -23.27 20.63 7.62
CA VAL A 557 -21.88 20.71 8.02
C VAL A 557 -21.56 22.12 8.53
N SER A 558 -22.58 22.82 9.05
CA SER A 558 -22.36 24.20 9.48
C SER A 558 -21.36 24.29 10.61
N LYS A 559 -21.39 23.33 11.55
CA LYS A 559 -20.44 23.30 12.67
C LYS A 559 -19.01 23.01 12.23
N ALA A 560 -18.81 22.57 10.98
CA ALA A 560 -17.49 22.51 10.39
C ALA A 560 -17.18 23.71 9.50
N PHE A 561 -18.15 24.14 8.68
CA PHE A 561 -17.88 25.22 7.74
C PHE A 561 -17.53 26.52 8.48
N LYS A 562 -18.24 26.80 9.58
CA LYS A 562 -18.08 28.11 10.21
C LYS A 562 -16.70 28.30 10.82
N PRO A 563 -16.21 27.40 11.70
CA PRO A 563 -14.85 27.63 12.22
C PRO A 563 -13.80 27.57 11.13
N ILE A 564 -13.96 26.69 10.14
CA ILE A 564 -12.98 26.62 9.05
C ILE A 564 -12.95 27.95 8.30
N MET A 565 -14.12 28.43 7.85
CA MET A 565 -14.17 29.66 7.06
C MET A 565 -13.77 30.88 7.87
N GLU A 566 -14.31 31.03 9.09
CA GLU A 566 -13.98 32.20 9.90
C GLU A 566 -12.49 32.25 10.22
N ASN A 567 -11.91 31.14 10.70
CA ASN A 567 -10.50 31.17 11.03
C ASN A 567 -9.64 31.41 9.81
N THR A 568 -10.06 30.90 8.64
CA THR A 568 -9.24 31.10 7.45
C THR A 568 -9.27 32.57 6.99
N LEU A 569 -10.46 33.17 6.95
CA LEU A 569 -10.56 34.57 6.54
C LEU A 569 -9.75 35.47 7.47
N LYS A 570 -9.74 35.17 8.78
CA LYS A 570 -8.92 35.95 9.71
C LYS A 570 -7.44 35.74 9.44
N TYR A 571 -7.03 34.49 9.22
CA TYR A 571 -5.64 34.24 8.90
C TYR A 571 -5.22 34.95 7.61
N LEU A 572 -6.15 35.12 6.67
CA LEU A 572 -5.86 35.84 5.42
C LEU A 572 -6.10 37.34 5.52
N ASN A 573 -6.35 37.87 6.72
CA ASN A 573 -6.46 39.31 6.95
C ASN A 573 -7.64 39.92 6.22
N VAL A 574 -8.73 39.17 6.05
CA VAL A 574 -9.97 39.74 5.52
C VAL A 574 -10.68 40.47 6.66
N GLY A 575 -11.17 41.67 6.38
CA GLY A 575 -11.76 42.46 7.45
C GLY A 575 -13.16 42.06 7.86
N LYS A 576 -13.30 41.79 9.16
CA LYS A 576 -14.61 41.58 9.77
C LYS A 576 -15.36 42.91 9.81
N SER A 577 -16.66 42.87 9.54
CA SER A 577 -17.49 44.06 9.81
C SER A 577 -18.31 43.85 11.09
N GLN B 48 -23.53 -0.95 -6.91
CA GLN B 48 -22.65 -2.00 -6.39
C GLN B 48 -21.44 -2.19 -7.32
N GLN B 49 -20.42 -2.84 -6.82
CA GLN B 49 -19.20 -2.93 -7.60
C GLN B 49 -19.23 -4.16 -8.51
N PRO B 50 -18.59 -4.08 -9.68
CA PRO B 50 -18.38 -5.30 -10.47
C PRO B 50 -17.55 -6.30 -9.67
N GLU B 51 -17.77 -7.58 -9.96
CA GLU B 51 -16.94 -8.61 -9.37
C GLU B 51 -15.49 -8.42 -9.77
N ARG B 52 -14.60 -8.41 -8.78
CA ARG B 52 -13.17 -8.38 -9.06
C ARG B 52 -12.75 -9.73 -9.59
N GLY B 53 -11.85 -9.71 -10.58
CA GLY B 53 -11.42 -10.95 -11.21
C GLY B 53 -10.69 -11.85 -10.24
N LYS B 54 -10.54 -13.10 -10.63
CA LYS B 54 -9.88 -14.07 -9.77
C LYS B 54 -8.40 -14.23 -10.12
N ILE B 55 -7.61 -14.62 -9.13
CA ILE B 55 -6.25 -15.07 -9.36
C ILE B 55 -6.19 -16.60 -9.23
N TYR B 56 -5.59 -17.25 -10.21
CA TYR B 56 -5.56 -18.70 -10.31
C TYR B 56 -4.12 -19.21 -10.30
N ASP B 57 -3.93 -20.46 -9.87
CA ASP B 57 -2.65 -21.11 -10.08
C ASP B 57 -2.66 -21.82 -11.44
N ARG B 58 -1.56 -22.49 -11.78
CA ARG B 58 -1.39 -23.06 -13.12
C ARG B 58 -2.35 -24.20 -13.40
N ASN B 59 -2.95 -24.80 -12.38
CA ASN B 59 -3.90 -25.89 -12.54
C ASN B 59 -5.35 -25.47 -12.30
N GLY B 60 -5.63 -24.16 -12.26
CA GLY B 60 -7.00 -23.70 -12.09
C GLY B 60 -7.49 -23.60 -10.66
N LYS B 61 -6.62 -23.65 -9.66
CA LYS B 61 -7.06 -23.49 -8.28
C LYS B 61 -7.20 -22.01 -7.92
N VAL B 62 -8.27 -21.66 -7.21
CA VAL B 62 -8.45 -20.26 -6.86
C VAL B 62 -7.42 -19.85 -5.81
N LEU B 63 -6.66 -18.79 -6.10
CA LEU B 63 -5.82 -18.18 -5.09
C LEU B 63 -6.45 -16.94 -4.49
N ALA B 64 -7.30 -16.24 -5.24
CA ALA B 64 -8.00 -15.09 -4.68
C ALA B 64 -9.32 -14.94 -5.41
N GLU B 65 -10.36 -14.53 -4.70
CA GLU B 65 -11.68 -14.37 -5.32
C GLU B 65 -12.52 -13.47 -4.44
N ASP B 66 -13.67 -13.03 -4.98
CA ASP B 66 -14.66 -12.29 -4.21
C ASP B 66 -15.67 -13.23 -3.60
N VAL B 67 -15.94 -13.07 -2.30
CA VAL B 67 -17.00 -13.81 -1.62
C VAL B 67 -17.92 -12.83 -0.92
N GLU B 68 -19.13 -13.30 -0.60
CA GLU B 68 -20.07 -12.56 0.23
C GLU B 68 -20.00 -13.02 1.68
N ARG B 69 -19.86 -12.06 2.60
CA ARG B 69 -19.92 -12.26 4.05
C ARG B 69 -20.95 -11.28 4.61
N TYR B 70 -21.08 -11.21 5.93
CA TYR B 70 -22.22 -10.51 6.52
C TYR B 70 -21.74 -9.66 7.69
N LYS B 71 -22.46 -8.55 7.89
CA LYS B 71 -22.19 -7.62 8.99
C LYS B 71 -23.40 -7.55 9.90
N LEU B 72 -23.16 -7.71 11.19
CA LEU B 72 -24.20 -7.69 12.21
C LEU B 72 -24.62 -6.26 12.52
N VAL B 73 -25.93 -6.00 12.47
CA VAL B 73 -26.50 -4.69 12.74
C VAL B 73 -27.62 -4.84 13.78
N ALA B 74 -27.60 -3.99 14.80
CA ALA B 74 -28.61 -3.99 15.85
C ALA B 74 -29.27 -2.61 15.92
N VAL B 75 -30.56 -2.56 15.62
CA VAL B 75 -31.37 -1.35 15.84
C VAL B 75 -31.76 -1.33 17.31
N ILE B 76 -31.42 -0.25 18.01
CA ILE B 76 -31.59 -0.18 19.46
C ILE B 76 -32.52 0.95 19.90
N ASP B 77 -33.09 1.71 18.97
CA ASP B 77 -33.96 2.83 19.30
C ASP B 77 -35.43 2.40 19.30
N LYS B 78 -36.14 2.74 20.39
CA LYS B 78 -37.56 2.43 20.51
C LYS B 78 -38.40 3.05 19.40
N LYS B 79 -37.96 4.17 18.81
CA LYS B 79 -38.75 4.81 17.76
C LYS B 79 -38.90 3.93 16.54
N ALA B 80 -38.06 2.91 16.37
CA ALA B 80 -38.20 2.02 15.24
C ALA B 80 -39.46 1.16 15.34
N SER B 81 -39.99 0.97 16.55
CA SER B 81 -41.17 0.15 16.77
C SER B 81 -42.38 0.97 17.21
N ALA B 82 -42.40 2.26 16.86
CA ALA B 82 -43.51 3.13 17.28
C ALA B 82 -44.80 2.76 16.55
N ASN B 83 -44.74 2.62 15.23
CA ASN B 83 -45.88 2.23 14.41
C ASN B 83 -45.58 0.88 13.77
N SER B 84 -45.53 -0.18 14.58
CA SER B 84 -45.26 -1.52 14.11
C SER B 84 -45.88 -2.53 15.07
N LYS B 85 -46.40 -3.64 14.51
CA LYS B 85 -47.06 -4.63 15.35
C LYS B 85 -46.07 -5.37 16.24
N LYS B 86 -45.06 -6.00 15.63
CA LYS B 86 -43.99 -6.73 16.33
C LYS B 86 -42.76 -5.84 16.48
N PRO B 87 -42.07 -5.90 17.63
CA PRO B 87 -40.93 -5.01 17.86
C PRO B 87 -39.87 -5.11 16.77
N ARG B 88 -39.32 -3.97 16.39
CA ARG B 88 -38.27 -3.90 15.38
C ARG B 88 -36.95 -3.44 15.98
N HIS B 89 -36.86 -3.37 17.31
CA HIS B 89 -35.64 -3.02 18.02
C HIS B 89 -35.36 -4.01 19.15
N VAL B 90 -34.18 -3.87 19.75
CA VAL B 90 -33.75 -4.76 20.82
C VAL B 90 -34.47 -4.40 22.11
N VAL B 91 -35.27 -5.34 22.61
CA VAL B 91 -36.03 -5.11 23.84
C VAL B 91 -35.22 -5.48 25.07
N ASP B 92 -34.67 -6.70 25.09
CA ASP B 92 -33.87 -7.17 26.24
C ASP B 92 -32.41 -7.14 25.81
N LYS B 93 -31.70 -6.08 26.21
CA LYS B 93 -30.29 -5.95 25.88
C LYS B 93 -29.49 -7.14 26.43
N LYS B 94 -29.86 -7.61 27.64
CA LYS B 94 -29.09 -8.67 28.29
C LYS B 94 -29.29 -10.01 27.58
N GLU B 95 -30.54 -10.37 27.26
CA GLU B 95 -30.79 -11.63 26.56
C GLU B 95 -30.22 -11.59 25.14
N THR B 96 -30.33 -10.45 24.46
CA THR B 96 -29.72 -10.31 23.14
C THR B 96 -28.21 -10.48 23.21
N ALA B 97 -27.57 -9.88 24.22
CA ALA B 97 -26.14 -10.01 24.38
C ALA B 97 -25.74 -11.47 24.57
N LYS B 98 -26.41 -12.18 25.50
CA LYS B 98 -26.11 -13.60 25.73
C LYS B 98 -26.18 -14.42 24.45
N LYS B 99 -27.30 -14.33 23.72
CA LYS B 99 -27.50 -15.18 22.55
C LYS B 99 -26.59 -14.79 21.39
N LEU B 100 -26.35 -13.49 21.18
CA LEU B 100 -25.44 -13.08 20.12
C LEU B 100 -24.00 -13.49 20.44
N SER B 101 -23.65 -13.53 21.73
CA SER B 101 -22.33 -13.96 22.17
C SER B 101 -21.99 -15.39 21.77
N THR B 102 -22.98 -16.20 21.39
CA THR B 102 -22.72 -17.60 21.01
C THR B 102 -22.31 -17.75 19.56
N VAL B 103 -22.34 -16.66 18.79
CA VAL B 103 -21.98 -16.68 17.38
C VAL B 103 -20.85 -15.71 17.06
N ILE B 104 -20.63 -14.65 17.85
CA ILE B 104 -19.53 -13.73 17.61
C ILE B 104 -18.57 -13.79 18.79
N ASP B 105 -17.33 -13.39 18.52
CA ASP B 105 -16.23 -13.47 19.50
C ASP B 105 -16.19 -12.20 20.33
N MET B 106 -17.22 -12.03 21.16
CA MET B 106 -17.35 -10.86 22.02
C MET B 106 -18.03 -11.29 23.31
N LYS B 107 -17.54 -10.82 24.45
CA LYS B 107 -18.11 -11.23 25.72
C LYS B 107 -19.48 -10.59 25.93
N PRO B 108 -20.44 -11.32 26.52
CA PRO B 108 -21.79 -10.76 26.70
C PRO B 108 -21.82 -9.42 27.41
N GLU B 109 -20.85 -9.14 28.28
CA GLU B 109 -20.79 -7.84 28.94
C GLU B 109 -20.50 -6.73 27.93
N GLU B 110 -19.64 -7.01 26.94
CA GLU B 110 -19.26 -5.99 25.96
C GLU B 110 -20.39 -5.74 24.96
N ILE B 111 -21.07 -6.80 24.51
CA ILE B 111 -22.23 -6.64 23.65
C ILE B 111 -23.26 -5.74 24.31
N GLU B 112 -23.51 -5.98 25.61
CA GLU B 112 -24.47 -5.18 26.36
C GLU B 112 -24.01 -3.73 26.49
N LYS B 113 -22.71 -3.51 26.71
CA LYS B 113 -22.20 -2.15 26.81
C LYS B 113 -22.35 -1.40 25.49
N ARG B 114 -22.01 -2.07 24.37
CA ARG B 114 -22.17 -1.44 23.06
C ARG B 114 -23.63 -1.17 22.75
N LEU B 115 -24.52 -2.08 23.19
CA LEU B 115 -25.95 -1.94 22.98
C LEU B 115 -26.55 -0.77 23.76
N SER B 116 -25.80 -0.19 24.69
CA SER B 116 -26.30 0.90 25.52
C SER B 116 -25.92 2.28 25.00
N GLN B 117 -25.13 2.36 23.93
CA GLN B 117 -24.77 3.64 23.36
C GLN B 117 -26.02 4.50 23.15
N LYS B 118 -25.89 5.80 23.43
CA LYS B 118 -27.01 6.73 23.41
C LYS B 118 -26.91 7.67 22.20
N LYS B 119 -28.04 8.33 21.91
CA LYS B 119 -28.18 9.23 20.76
C LYS B 119 -27.85 8.53 19.43
N ALA B 120 -28.16 7.23 19.33
CA ALA B 120 -27.81 6.39 18.18
C ALA B 120 -29.00 5.52 17.80
N PHE B 121 -29.26 5.39 16.49
CA PHE B 121 -30.38 4.58 16.02
C PHE B 121 -30.02 3.10 15.92
N GLN B 122 -28.88 2.78 15.32
CA GLN B 122 -28.37 1.42 15.25
C GLN B 122 -26.88 1.43 15.57
N ILE B 123 -26.37 0.26 15.98
CA ILE B 123 -24.95 0.10 16.30
C ILE B 123 -24.39 -1.15 15.62
N GLU B 124 -23.08 -1.12 15.39
CA GLU B 124 -22.30 -2.28 14.98
C GLU B 124 -21.38 -2.68 16.12
N PHE B 125 -20.63 -3.76 15.90
CA PHE B 125 -19.86 -4.38 16.97
C PHE B 125 -18.37 -4.48 16.61
N GLY B 126 -17.88 -3.54 15.80
CA GLY B 126 -16.48 -3.47 15.43
C GLY B 126 -16.03 -4.67 14.61
N ARG B 127 -14.73 -4.96 14.71
CA ARG B 127 -14.12 -5.99 13.88
C ARG B 127 -14.79 -7.35 14.08
N LYS B 128 -15.21 -7.65 15.31
CA LYS B 128 -15.81 -8.94 15.61
C LYS B 128 -17.20 -9.11 15.01
N GLY B 129 -17.87 -8.00 14.68
CA GLY B 129 -19.20 -8.04 14.09
C GLY B 129 -19.26 -8.18 12.59
N THR B 130 -18.14 -8.06 11.90
CA THR B 130 -18.14 -8.14 10.45
C THR B 130 -17.37 -9.38 9.97
N ASN B 131 -17.43 -9.60 8.66
CA ASN B 131 -16.82 -10.77 8.02
C ASN B 131 -17.46 -12.07 8.48
N LEU B 132 -18.72 -12.03 8.86
CA LEU B 132 -19.40 -13.21 9.34
C LEU B 132 -19.77 -14.10 8.17
N THR B 133 -19.78 -15.41 8.40
CA THR B 133 -20.02 -16.38 7.34
C THR B 133 -21.51 -16.52 7.06
N TYR B 134 -21.82 -17.30 6.03
CA TYR B 134 -23.22 -17.62 5.76
C TYR B 134 -23.81 -18.55 6.83
N GLN B 135 -22.98 -19.35 7.50
CA GLN B 135 -23.51 -20.17 8.60
C GLN B 135 -23.70 -19.36 9.87
N ASP B 136 -22.80 -18.41 10.15
CA ASP B 136 -23.02 -17.45 11.23
C ASP B 136 -24.35 -16.71 11.03
N LYS B 137 -24.66 -16.34 9.79
CA LYS B 137 -25.89 -15.63 9.49
C LYS B 137 -27.12 -16.45 9.86
N LEU B 138 -27.19 -17.70 9.38
CA LEU B 138 -28.35 -18.54 9.65
C LEU B 138 -28.53 -18.79 11.14
N LYS B 139 -27.43 -18.88 11.89
CA LYS B 139 -27.52 -19.14 13.32
C LYS B 139 -28.13 -17.94 14.06
N ILE B 140 -27.74 -16.72 13.67
CA ILE B 140 -28.28 -15.54 14.34
C ILE B 140 -29.74 -15.36 14.01
N GLU B 141 -30.12 -15.65 12.77
CA GLU B 141 -31.50 -15.40 12.36
C GLU B 141 -32.49 -16.39 13.00
N LYS B 142 -32.04 -17.62 13.29
CA LYS B 142 -32.89 -18.55 14.05
C LYS B 142 -33.23 -18.00 15.43
N MET B 143 -32.35 -17.20 16.02
CA MET B 143 -32.57 -16.64 17.34
C MET B 143 -33.73 -15.64 17.36
N ASN B 144 -34.14 -15.11 16.20
CA ASN B 144 -35.32 -14.23 16.09
C ASN B 144 -35.23 -13.03 17.02
N LEU B 145 -34.04 -12.52 17.24
CA LEU B 145 -33.89 -11.38 18.14
C LEU B 145 -34.48 -10.12 17.51
N PRO B 146 -35.38 -9.41 18.20
CA PRO B 146 -35.92 -8.17 17.65
C PRO B 146 -34.83 -7.13 17.43
N GLY B 147 -34.83 -6.52 16.25
CA GLY B 147 -33.88 -5.48 15.92
C GLY B 147 -32.55 -5.95 15.40
N ILE B 148 -32.35 -7.26 15.26
CA ILE B 148 -31.10 -7.83 14.79
C ILE B 148 -31.26 -8.19 13.32
N SER B 149 -30.25 -7.87 12.51
CA SER B 149 -30.24 -8.21 11.09
C SER B 149 -28.80 -8.33 10.63
N LEU B 150 -28.64 -8.89 9.42
CA LEU B 150 -27.34 -9.10 8.82
C LEU B 150 -27.30 -8.45 7.44
N LEU B 151 -26.28 -7.64 7.21
CA LEU B 151 -26.04 -6.94 5.96
C LEU B 151 -25.05 -7.70 5.11
N PRO B 152 -25.30 -7.89 3.82
CA PRO B 152 -24.33 -8.55 2.96
C PRO B 152 -23.18 -7.62 2.61
N GLU B 153 -21.96 -8.18 2.62
CA GLU B 153 -20.77 -7.43 2.26
C GLU B 153 -19.88 -8.31 1.38
N THR B 154 -19.27 -7.68 0.37
CA THR B 154 -18.26 -8.35 -0.45
C THR B 154 -16.92 -8.30 0.26
N GLU B 155 -16.23 -9.44 0.35
CA GLU B 155 -14.85 -9.49 0.82
C GLU B 155 -13.98 -10.16 -0.23
N ARG B 156 -12.68 -9.90 -0.12
CA ARG B 156 -11.67 -10.60 -0.92
C ARG B 156 -11.19 -11.82 -0.15
N PHE B 157 -11.33 -13.00 -0.74
CA PHE B 157 -11.06 -14.27 -0.06
C PHE B 157 -9.80 -14.90 -0.64
N TYR B 158 -8.89 -15.31 0.24
CA TYR B 158 -7.68 -16.02 -0.15
C TYR B 158 -7.76 -17.42 0.43
N PRO B 159 -8.22 -18.40 -0.33
CA PRO B 159 -8.50 -19.75 0.25
C PRO B 159 -7.34 -20.37 0.99
N ASN B 160 -6.10 -20.10 0.61
CA ASN B 160 -4.94 -20.73 1.21
C ASN B 160 -4.31 -19.89 2.32
N GLY B 161 -4.91 -18.76 2.70
CA GLY B 161 -4.36 -17.92 3.76
C GLY B 161 -2.97 -17.42 3.41
N ASN B 162 -2.03 -17.62 4.32
CA ASN B 162 -0.64 -17.24 4.09
C ASN B 162 -0.04 -18.19 3.07
N PHE B 163 0.12 -17.74 1.83
CA PHE B 163 0.41 -18.64 0.72
C PHE B 163 0.86 -17.85 -0.50
N ALA B 164 2.16 -17.93 -0.80
CA ALA B 164 2.76 -17.11 -1.84
C ALA B 164 2.38 -15.63 -1.66
N SER B 165 2.33 -15.20 -0.39
CA SER B 165 1.65 -13.97 -0.04
C SER B 165 2.29 -12.76 -0.71
N HIS B 166 3.62 -12.69 -0.65
CA HIS B 166 4.38 -11.56 -1.26
C HIS B 166 4.32 -11.61 -2.79
N LEU B 167 3.88 -12.71 -3.38
CA LEU B 167 3.69 -12.68 -4.84
C LEU B 167 2.26 -12.28 -5.20
N ILE B 168 1.26 -12.90 -4.55
CA ILE B 168 -0.14 -12.63 -4.86
C ILE B 168 -0.54 -11.23 -4.37
N GLY B 169 -0.06 -10.83 -3.19
CA GLY B 169 -0.45 -9.54 -2.64
C GLY B 169 -1.78 -9.59 -1.91
N ARG B 170 -2.40 -8.40 -1.83
CA ARG B 170 -3.64 -8.20 -1.09
C ARG B 170 -4.39 -7.02 -1.68
N ALA B 171 -5.71 -7.15 -1.80
CA ALA B 171 -6.58 -6.05 -2.18
C ALA B 171 -7.24 -5.48 -0.93
N GLN B 172 -7.40 -4.16 -0.89
CA GLN B 172 -8.02 -3.52 0.24
C GLN B 172 -9.34 -2.90 -0.18
N LYS B 173 -10.24 -2.78 0.77
CA LYS B 173 -11.61 -2.34 0.53
C LYS B 173 -11.81 -0.92 1.01
N ASN B 174 -12.42 -0.09 0.16
CA ASN B 174 -12.96 1.19 0.57
C ASN B 174 -14.37 0.94 1.12
N PRO B 175 -14.55 1.03 2.45
CA PRO B 175 -15.86 0.67 3.04
C PRO B 175 -17.05 1.47 2.53
N ASP B 176 -16.84 2.69 2.00
CA ASP B 176 -17.96 3.49 1.51
C ASP B 176 -18.59 2.88 0.26
N THR B 177 -17.78 2.41 -0.67
CA THR B 177 -18.32 1.95 -1.94
C THR B 177 -18.24 0.44 -2.11
N GLY B 178 -17.49 -0.26 -1.25
CA GLY B 178 -17.13 -1.65 -1.47
C GLY B 178 -16.04 -1.86 -2.50
N GLU B 179 -15.48 -0.79 -3.06
CA GLU B 179 -14.47 -0.93 -4.11
C GLU B 179 -13.17 -1.49 -3.55
N LEU B 180 -12.62 -2.49 -4.23
CA LEU B 180 -11.36 -3.14 -3.84
C LEU B 180 -10.22 -2.67 -4.73
N LYS B 181 -9.05 -2.51 -4.13
CA LYS B 181 -7.89 -2.04 -4.87
C LYS B 181 -6.65 -2.79 -4.40
N GLY B 182 -5.88 -3.34 -5.34
CA GLY B 182 -4.67 -4.06 -4.97
C GLY B 182 -3.62 -3.14 -4.35
N ALA B 183 -3.00 -3.61 -3.28
CA ALA B 183 -1.98 -2.80 -2.62
C ALA B 183 -0.60 -3.45 -2.66
N LEU B 184 -0.48 -4.66 -3.18
CA LEU B 184 0.80 -5.30 -3.31
C LEU B 184 0.65 -6.45 -4.30
N GLY B 185 1.77 -6.81 -4.95
CA GLY B 185 1.90 -7.97 -5.81
C GLY B 185 0.92 -7.98 -6.98
N VAL B 186 0.52 -9.20 -7.34
CA VAL B 186 -0.37 -9.40 -8.47
C VAL B 186 -1.64 -8.57 -8.33
N GLU B 187 -2.21 -8.52 -7.12
CA GLU B 187 -3.43 -7.73 -6.90
C GLU B 187 -3.25 -6.27 -7.30
N LYS B 188 -2.06 -5.70 -7.10
CA LYS B 188 -1.78 -4.32 -7.47
C LYS B 188 -1.35 -4.21 -8.92
N ILE B 189 -0.33 -4.98 -9.34
CA ILE B 189 0.18 -4.94 -10.71
C ILE B 189 -0.96 -5.05 -11.72
N PHE B 190 -1.90 -5.97 -11.49
CA PHE B 190 -2.98 -6.22 -12.44
C PHE B 190 -4.31 -5.64 -11.98
N ASP B 191 -4.25 -4.63 -11.10
CA ASP B 191 -5.46 -4.08 -10.51
C ASP B 191 -6.44 -3.60 -11.57
N SER B 192 -5.94 -2.98 -12.65
CA SER B 192 -6.88 -2.47 -13.65
C SER B 192 -7.45 -3.57 -14.54
N TYR B 193 -6.84 -4.75 -14.61
CA TYR B 193 -7.54 -5.86 -15.27
C TYR B 193 -8.49 -6.56 -14.29
N LEU B 194 -8.02 -6.87 -13.07
CA LEU B 194 -8.87 -7.57 -12.11
C LEU B 194 -10.10 -6.75 -11.75
N SER B 195 -9.94 -5.42 -11.69
CA SER B 195 -11.06 -4.56 -11.34
C SER B 195 -12.06 -4.48 -12.47
N GLY B 196 -13.32 -4.38 -12.11
CA GLY B 196 -14.39 -4.22 -13.08
C GLY B 196 -14.62 -2.76 -13.44
N LYS B 222 -18.81 -5.37 -16.40
CA LYS B 222 -19.53 -5.79 -15.20
C LYS B 222 -18.80 -6.91 -14.47
N ARG B 223 -17.71 -7.41 -15.06
CA ARG B 223 -16.84 -8.35 -14.36
C ARG B 223 -15.42 -8.18 -14.83
N GLY B 224 -14.49 -8.13 -13.88
CA GLY B 224 -13.09 -7.98 -14.19
C GLY B 224 -12.49 -9.23 -14.82
N ASP B 225 -11.25 -9.07 -15.24
CA ASP B 225 -10.50 -10.12 -15.89
C ASP B 225 -9.79 -10.99 -14.84
N ASP B 226 -9.59 -12.26 -15.17
CA ASP B 226 -8.86 -13.19 -14.29
C ASP B 226 -7.39 -13.17 -14.65
N VAL B 227 -6.54 -13.47 -13.65
CA VAL B 227 -5.10 -13.62 -13.81
C VAL B 227 -4.71 -15.04 -13.40
N HIS B 228 -4.13 -15.80 -14.34
CA HIS B 228 -3.62 -17.14 -14.08
C HIS B 228 -2.11 -17.10 -13.93
N LEU B 229 -1.60 -17.66 -12.83
CA LEU B 229 -0.17 -17.71 -12.56
C LEU B 229 0.43 -19.06 -12.97
N THR B 230 1.77 -19.08 -13.05
CA THR B 230 2.53 -20.30 -13.27
C THR B 230 2.76 -21.10 -11.99
N ILE B 231 2.42 -20.50 -10.83
CA ILE B 231 2.48 -21.18 -9.54
C ILE B 231 1.74 -22.53 -9.56
N ASP B 232 2.37 -23.56 -8.98
CA ASP B 232 1.73 -24.85 -8.73
C ASP B 232 1.51 -24.96 -7.22
N SER B 233 0.25 -24.93 -6.79
CA SER B 233 -0.04 -24.96 -5.35
C SER B 233 0.60 -26.16 -4.65
N ASN B 234 0.57 -27.35 -5.28
CA ASN B 234 1.19 -28.52 -4.66
C ASN B 234 2.66 -28.27 -4.36
N ILE B 235 3.37 -27.61 -5.29
CA ILE B 235 4.77 -27.32 -5.01
C ILE B 235 4.88 -26.15 -4.03
N GLN B 236 3.95 -25.19 -4.09
CA GLN B 236 4.00 -24.06 -3.15
C GLN B 236 3.93 -24.55 -1.70
N VAL B 237 3.13 -25.59 -1.45
CA VAL B 237 2.99 -26.14 -0.10
C VAL B 237 4.33 -26.63 0.43
N PHE B 238 5.08 -27.38 -0.41
CA PHE B 238 6.42 -27.81 -0.02
C PHE B 238 7.30 -26.63 0.38
N VAL B 239 7.16 -25.50 -0.31
CA VAL B 239 8.02 -24.35 -0.01
C VAL B 239 7.56 -23.66 1.26
N GLU B 240 6.25 -23.54 1.47
CA GLU B 240 5.77 -22.90 2.70
C GLU B 240 6.17 -23.72 3.91
N GLU B 241 6.08 -25.05 3.82
CA GLU B 241 6.40 -25.89 4.96
C GLU B 241 7.88 -25.84 5.27
N ALA B 242 8.73 -25.88 4.24
CA ALA B 242 10.17 -25.77 4.48
C ALA B 242 10.54 -24.43 5.11
N LEU B 243 9.90 -23.33 4.69
CA LEU B 243 10.27 -22.04 5.25
C LEU B 243 9.78 -21.88 6.71
N ASP B 244 8.63 -22.46 7.05
CA ASP B 244 8.22 -22.45 8.44
C ASP B 244 9.25 -23.15 9.31
N GLY B 245 9.78 -24.27 8.80
CA GLY B 245 10.82 -24.99 9.54
C GLY B 245 12.08 -24.15 9.73
N MET B 246 12.49 -23.43 8.69
CA MET B 246 13.67 -22.58 8.81
C MET B 246 13.45 -21.48 9.86
N VAL B 247 12.26 -20.87 9.90
CA VAL B 247 12.03 -19.79 10.85
C VAL B 247 12.13 -20.32 12.27
N GLU B 248 11.46 -21.45 12.53
CA GLU B 248 11.50 -22.09 13.84
C GLU B 248 12.93 -22.37 14.30
N ARG B 249 13.77 -22.86 13.40
CA ARG B 249 15.10 -23.34 13.76
C ARG B 249 16.12 -22.20 13.87
N TYR B 250 16.02 -21.21 12.98
CA TYR B 250 17.08 -20.24 12.80
C TYR B 250 16.66 -18.79 13.05
N GLN B 251 15.35 -18.50 13.16
CA GLN B 251 14.78 -17.17 13.30
C GLN B 251 15.59 -16.14 12.52
N PRO B 252 15.72 -16.31 11.21
CA PRO B 252 16.54 -15.38 10.42
C PRO B 252 15.80 -14.08 10.16
N LYS B 253 16.58 -13.05 9.83
CA LYS B 253 15.98 -11.76 9.56
C LYS B 253 15.29 -11.74 8.20
N ASP B 254 15.78 -12.54 7.25
CA ASP B 254 15.19 -12.67 5.91
C ASP B 254 15.43 -14.10 5.40
N LEU B 255 14.55 -14.55 4.51
CA LEU B 255 14.52 -15.92 4.03
C LEU B 255 13.67 -16.00 2.76
N PHE B 256 14.13 -16.70 1.74
CA PHE B 256 13.32 -16.89 0.54
C PHE B 256 13.66 -18.24 -0.09
N ALA B 257 12.69 -18.75 -0.85
CA ALA B 257 12.91 -19.94 -1.66
C ALA B 257 12.09 -19.79 -2.94
N VAL B 258 12.67 -20.18 -4.05
CA VAL B 258 11.99 -20.10 -5.32
C VAL B 258 12.27 -21.40 -6.08
N VAL B 259 11.25 -21.90 -6.78
CA VAL B 259 11.33 -23.08 -7.62
C VAL B 259 11.03 -22.68 -9.05
N MET B 260 11.98 -22.88 -9.94
CA MET B 260 11.79 -22.54 -11.36
C MET B 260 11.95 -23.79 -12.21
N ASP B 261 11.01 -23.98 -13.14
CA ASP B 261 11.18 -24.96 -14.20
C ASP B 261 12.48 -24.69 -14.94
N ALA B 262 13.35 -25.72 -15.01
CA ALA B 262 14.69 -25.51 -15.55
C ALA B 262 14.70 -25.28 -17.06
N LYS B 263 13.65 -25.72 -17.77
CA LYS B 263 13.60 -25.66 -19.22
C LYS B 263 12.67 -24.58 -19.76
N THR B 264 11.79 -24.01 -18.94
CA THR B 264 10.90 -22.95 -19.41
C THR B 264 11.09 -21.62 -18.68
N GLY B 265 11.66 -21.60 -17.48
CA GLY B 265 11.72 -20.39 -16.69
C GLY B 265 10.47 -20.07 -15.88
N GLU B 266 9.42 -20.90 -15.95
CA GLU B 266 8.23 -20.68 -15.15
C GLU B 266 8.54 -20.76 -13.66
N ILE B 267 8.04 -19.78 -12.90
CA ILE B 267 8.13 -19.83 -11.45
C ILE B 267 7.04 -20.77 -10.95
N LEU B 268 7.44 -21.94 -10.42
CA LEU B 268 6.48 -22.93 -9.93
C LEU B 268 6.10 -22.70 -8.47
N ALA B 269 6.98 -22.10 -7.68
CA ALA B 269 6.68 -21.81 -6.30
C ALA B 269 7.59 -20.67 -5.87
N TYR B 270 7.10 -19.85 -4.93
CA TYR B 270 7.91 -18.76 -4.40
C TYR B 270 7.34 -18.36 -3.04
N SER B 271 8.24 -18.16 -2.06
CA SER B 271 7.81 -17.62 -0.77
C SER B 271 8.98 -16.92 -0.09
N GLN B 272 8.66 -16.16 0.96
CA GLN B 272 9.67 -15.51 1.76
C GLN B 272 9.15 -15.40 3.19
N ARG B 273 10.08 -15.12 4.11
CA ARG B 273 9.84 -14.85 5.54
C ARG B 273 10.75 -13.72 6.00
N PRO B 274 10.25 -12.78 6.81
CA PRO B 274 8.84 -12.68 7.25
C PRO B 274 7.91 -12.22 6.15
N THR B 275 6.63 -12.57 6.30
CA THR B 275 5.63 -12.24 5.30
C THR B 275 4.33 -11.95 6.03
N PHE B 276 3.25 -11.82 5.27
CA PHE B 276 1.95 -11.47 5.84
C PHE B 276 0.90 -12.48 5.37
N ASN B 277 -0.28 -12.38 5.98
CA ASN B 277 -1.42 -13.21 5.60
C ASN B 277 -2.41 -12.36 4.81
N PRO B 278 -2.53 -12.53 3.49
CA PRO B 278 -3.47 -11.70 2.73
C PRO B 278 -4.92 -11.84 3.17
N GLU B 279 -5.31 -12.98 3.74
CA GLU B 279 -6.70 -13.15 4.12
C GLU B 279 -7.07 -12.29 5.33
N THR B 280 -6.23 -12.30 6.37
CA THR B 280 -6.49 -11.55 7.60
C THR B 280 -5.89 -10.16 7.60
N GLY B 281 -4.89 -9.90 6.76
CA GLY B 281 -4.15 -8.67 6.84
C GLY B 281 -3.03 -8.68 7.86
N LYS B 282 -2.87 -9.79 8.59
CA LYS B 282 -1.86 -9.87 9.63
C LYS B 282 -0.49 -9.59 9.05
N ASP B 283 0.19 -8.61 9.64
CA ASP B 283 1.56 -8.21 9.34
C ASP B 283 1.68 -7.55 7.99
N PHE B 284 0.57 -7.19 7.34
CA PHE B 284 0.66 -6.53 6.04
C PHE B 284 1.20 -5.12 6.19
N GLY B 285 2.21 -4.78 5.37
CA GLY B 285 2.87 -3.49 5.46
C GLY B 285 4.17 -3.50 6.25
N LYS B 286 4.44 -4.55 7.02
CA LYS B 286 5.66 -4.54 7.81
C LYS B 286 6.90 -4.68 6.94
N LYS B 287 6.75 -5.27 5.76
CA LYS B 287 7.85 -5.32 4.81
C LYS B 287 7.27 -5.20 3.41
N TRP B 288 7.46 -4.05 2.75
CA TRP B 288 6.84 -3.89 1.44
C TRP B 288 7.49 -4.77 0.38
N ALA B 289 8.77 -5.13 0.56
CA ALA B 289 9.59 -5.62 -0.54
C ALA B 289 9.43 -7.12 -0.81
N ASN B 290 9.12 -7.44 -2.06
CA ASN B 290 9.17 -8.82 -2.53
C ASN B 290 10.64 -9.24 -2.73
N ASP B 291 11.05 -10.34 -2.09
CA ASP B 291 12.46 -10.74 -2.15
C ASP B 291 12.89 -11.09 -3.56
N LEU B 292 12.00 -11.71 -4.35
CA LEU B 292 12.39 -12.23 -5.67
C LEU B 292 12.74 -11.09 -6.65
N TYR B 293 12.01 -9.99 -6.59
CA TYR B 293 12.15 -8.94 -7.59
C TYR B 293 12.68 -7.62 -7.04
N GLN B 294 12.48 -7.33 -5.75
CA GLN B 294 12.69 -5.98 -5.26
C GLN B 294 13.84 -5.86 -4.26
N ASN B 295 14.18 -6.92 -3.57
CA ASN B 295 15.26 -6.91 -2.60
C ASN B 295 16.57 -7.29 -3.31
N THR B 296 17.68 -6.75 -2.81
CA THR B 296 18.99 -7.03 -3.38
C THR B 296 19.89 -7.67 -2.33
N TYR B 297 20.81 -8.51 -2.79
CA TYR B 297 21.72 -9.23 -1.91
C TYR B 297 23.11 -9.19 -2.52
N GLU B 298 24.13 -9.16 -1.66
CA GLU B 298 25.46 -9.56 -2.10
C GLU B 298 25.42 -11.09 -2.12
N PRO B 299 25.41 -11.72 -3.31
CA PRO B 299 25.05 -13.15 -3.36
C PRO B 299 26.04 -14.07 -2.68
N GLY B 300 27.31 -13.69 -2.62
CA GLY B 300 28.35 -14.60 -2.18
C GLY B 300 28.78 -15.58 -3.26
N SER B 301 29.20 -16.77 -2.83
CA SER B 301 29.93 -17.69 -3.70
C SER B 301 29.06 -18.37 -4.75
N THR B 302 27.73 -18.27 -4.66
CA THR B 302 26.88 -18.71 -5.77
C THR B 302 27.18 -17.94 -7.04
N PHE B 303 27.71 -16.72 -6.88
CA PHE B 303 28.07 -15.84 -8.00
C PHE B 303 29.33 -16.33 -8.72
N LYS B 304 30.12 -17.21 -8.09
CA LYS B 304 31.34 -17.72 -8.72
C LYS B 304 31.07 -18.53 -9.99
N SER B 305 29.87 -19.10 -10.14
CA SER B 305 29.59 -19.85 -11.37
C SER B 305 29.72 -18.97 -12.62
N TYR B 306 29.32 -17.70 -12.54
CA TYR B 306 29.41 -16.87 -13.74
C TYR B 306 30.85 -16.41 -13.98
N GLY B 307 31.60 -16.15 -12.91
CA GLY B 307 33.04 -15.99 -13.07
C GLY B 307 33.69 -17.21 -13.71
N LEU B 308 33.27 -18.41 -13.30
CA LEU B 308 33.82 -19.64 -13.86
C LEU B 308 33.47 -19.78 -15.33
N ALA B 309 32.22 -19.54 -15.70
CA ALA B 309 31.79 -19.66 -17.09
C ALA B 309 32.58 -18.72 -17.98
N ALA B 310 32.73 -17.47 -17.57
CA ALA B 310 33.60 -16.54 -18.29
C ALA B 310 35.01 -17.11 -18.45
N ALA B 311 35.61 -17.57 -17.35
CA ALA B 311 36.98 -18.08 -17.41
C ALA B 311 37.12 -19.24 -18.38
N ILE B 312 36.10 -20.12 -18.44
CA ILE B 312 36.15 -21.26 -19.36
C ILE B 312 36.20 -20.79 -20.81
N GLN B 313 35.29 -19.85 -21.19
CA GLN B 313 35.20 -19.43 -22.58
C GLN B 313 36.46 -18.70 -23.03
N GLU B 314 37.08 -17.96 -22.12
CA GLU B 314 38.29 -17.24 -22.47
C GLU B 314 39.51 -18.15 -22.52
N GLY B 315 39.34 -19.43 -22.21
CA GLY B 315 40.48 -20.33 -22.14
C GLY B 315 41.34 -20.13 -20.92
N ALA B 316 40.82 -19.47 -19.88
CA ALA B 316 41.60 -19.17 -18.69
C ALA B 316 41.44 -20.23 -17.60
N PHE B 317 40.31 -20.91 -17.55
CA PHE B 317 40.11 -22.00 -16.59
C PHE B 317 40.46 -23.32 -17.26
N ASP B 318 41.43 -24.04 -16.68
CA ASP B 318 41.77 -25.41 -17.02
C ASP B 318 41.63 -26.21 -15.73
N PRO B 319 40.76 -27.22 -15.66
CA PRO B 319 40.44 -27.84 -14.36
C PRO B 319 41.64 -28.45 -13.69
N ASP B 320 42.68 -28.81 -14.44
CA ASP B 320 43.83 -29.52 -13.88
C ASP B 320 45.05 -28.65 -13.72
N LYS B 321 45.06 -27.44 -14.30
CA LYS B 321 46.19 -26.53 -14.12
C LYS B 321 46.22 -26.05 -12.67
N LYS B 322 47.40 -26.07 -12.06
CA LYS B 322 47.51 -25.66 -10.66
C LYS B 322 47.56 -24.14 -10.56
N TYR B 323 47.27 -23.65 -9.36
CA TYR B 323 47.35 -22.22 -9.09
C TYR B 323 47.76 -22.02 -7.65
N LYS B 324 48.30 -20.84 -7.36
CA LYS B 324 48.75 -20.50 -6.01
C LYS B 324 47.54 -20.04 -5.19
N SER B 325 47.12 -20.87 -4.25
CA SER B 325 46.09 -20.50 -3.30
C SER B 325 46.72 -19.78 -2.10
N GLY B 326 45.88 -19.38 -1.15
CA GLY B 326 46.35 -18.73 0.06
C GLY B 326 45.70 -17.37 0.29
N HIS B 327 46.22 -16.35 -0.37
CA HIS B 327 45.71 -14.99 -0.23
C HIS B 327 46.22 -14.17 -1.40
N ARG B 328 45.63 -12.98 -1.58
CA ARG B 328 46.16 -11.98 -2.48
C ARG B 328 46.04 -10.63 -1.80
N ASP B 329 46.98 -9.74 -2.10
CA ASP B 329 47.00 -8.39 -1.55
C ASP B 329 46.47 -7.41 -2.58
N ILE B 330 45.35 -6.76 -2.26
CA ILE B 330 44.63 -5.90 -3.19
C ILE B 330 44.53 -4.51 -2.55
N MET B 331 45.22 -3.53 -3.13
CA MET B 331 45.27 -2.16 -2.59
C MET B 331 45.53 -2.15 -1.08
N GLY B 332 46.46 -3.01 -0.63
CA GLY B 332 46.86 -3.04 0.76
C GLY B 332 46.02 -3.89 1.70
N SER B 333 44.92 -4.48 1.22
CA SER B 333 44.09 -5.38 2.03
C SER B 333 44.32 -6.83 1.63
N ARG B 334 44.37 -7.70 2.64
CA ARG B 334 44.58 -9.13 2.45
C ARG B 334 43.23 -9.84 2.32
N ILE B 335 42.97 -10.38 1.13
CA ILE B 335 41.82 -11.23 0.87
C ILE B 335 42.34 -12.66 0.71
N SER B 336 41.82 -13.57 1.54
CA SER B 336 42.31 -14.93 1.57
C SER B 336 41.17 -15.91 1.38
N ASP B 337 41.54 -17.16 1.11
CA ASP B 337 40.56 -18.23 1.08
C ASP B 337 39.95 -18.37 2.47
N TRP B 338 38.81 -19.06 2.55
CA TRP B 338 38.05 -19.09 3.79
C TRP B 338 38.84 -19.72 4.95
N ASN B 339 39.90 -20.48 4.68
CA ASN B 339 40.71 -21.09 5.75
C ASN B 339 42.01 -20.34 6.05
N ARG B 340 42.20 -19.14 5.48
CA ARG B 340 43.30 -18.22 5.78
C ARG B 340 44.64 -18.67 5.17
N VAL B 341 44.89 -19.98 5.10
CA VAL B 341 46.16 -20.49 4.61
C VAL B 341 46.06 -21.09 3.21
N GLY B 342 44.88 -21.56 2.80
CA GLY B 342 44.76 -22.19 1.52
C GLY B 342 45.17 -23.66 1.59
N TRP B 343 45.50 -24.20 0.41
CA TRP B 343 45.86 -25.60 0.26
C TRP B 343 47.12 -25.76 -0.59
N GLY B 344 47.92 -24.71 -0.72
CA GLY B 344 49.14 -24.79 -1.50
C GLY B 344 48.88 -24.68 -2.99
N GLU B 345 49.65 -25.42 -3.77
CA GLU B 345 49.49 -25.48 -5.23
C GLU B 345 48.49 -26.59 -5.53
N ILE B 346 47.25 -26.21 -5.86
CA ILE B 346 46.19 -27.18 -6.06
C ILE B 346 45.58 -26.97 -7.44
N PRO B 347 44.93 -28.00 -8.00
CA PRO B 347 44.28 -27.83 -9.30
C PRO B 347 43.13 -26.86 -9.24
N MET B 348 42.89 -26.23 -10.40
CA MET B 348 41.87 -25.20 -10.50
C MET B 348 40.48 -25.76 -10.22
N SER B 349 40.23 -26.99 -10.68
CA SER B 349 38.96 -27.66 -10.40
C SER B 349 38.73 -27.80 -8.90
N LEU B 350 39.76 -28.23 -8.16
CA LEU B 350 39.60 -28.35 -6.72
C LEU B 350 39.39 -26.98 -6.06
N GLY B 351 40.03 -25.94 -6.58
CA GLY B 351 39.75 -24.59 -6.11
C GLY B 351 38.27 -24.27 -6.09
N PHE B 352 37.56 -24.59 -7.18
CA PHE B 352 36.13 -24.24 -7.23
C PHE B 352 35.31 -25.11 -6.28
N THR B 353 35.66 -26.41 -6.17
CA THR B 353 35.00 -27.29 -5.21
C THR B 353 35.14 -26.77 -3.78
N TYR B 354 36.30 -26.21 -3.46
CA TYR B 354 36.62 -25.68 -2.14
C TYR B 354 36.07 -24.28 -1.93
N SER B 355 35.54 -23.66 -2.99
CA SER B 355 35.08 -22.28 -2.96
C SER B 355 36.23 -21.36 -2.57
N SER B 356 37.32 -21.48 -3.31
CA SER B 356 38.52 -20.68 -3.09
C SER B 356 38.28 -19.27 -3.62
N ASN B 357 38.46 -18.27 -2.75
CA ASN B 357 38.36 -16.89 -3.21
C ASN B 357 39.55 -16.52 -4.11
N THR B 358 40.73 -17.08 -3.83
CA THR B 358 41.92 -16.72 -4.60
C THR B 358 41.90 -17.31 -6.00
N LEU B 359 41.21 -18.44 -6.19
CA LEU B 359 40.96 -18.93 -7.55
C LEU B 359 40.27 -17.86 -8.38
N MET B 360 39.12 -17.37 -7.89
CA MET B 360 38.32 -16.41 -8.64
C MET B 360 39.09 -15.12 -8.91
N MET B 361 39.92 -14.68 -7.96
CA MET B 361 40.72 -13.49 -8.17
C MET B 361 41.80 -13.75 -9.21
N HIS B 362 42.43 -14.92 -9.14
CA HIS B 362 43.38 -15.31 -10.16
C HIS B 362 42.73 -15.35 -11.54
N LEU B 363 41.55 -15.97 -11.63
CA LEU B 363 40.84 -16.04 -12.91
C LEU B 363 40.53 -14.65 -13.46
N GLN B 364 40.13 -13.73 -12.59
CA GLN B 364 39.85 -12.37 -13.06
C GLN B 364 41.11 -11.74 -13.65
N ASP B 365 42.27 -11.94 -13.01
CA ASP B 365 43.52 -11.39 -13.53
C ASP B 365 43.80 -11.91 -14.94
N LEU B 366 43.54 -13.20 -15.18
CA LEU B 366 43.81 -13.78 -16.49
C LEU B 366 42.83 -13.28 -17.54
N VAL B 367 41.56 -13.13 -17.18
CA VAL B 367 40.59 -12.67 -18.16
C VAL B 367 40.76 -11.17 -18.42
N GLY B 368 41.00 -10.40 -17.37
CA GLY B 368 41.14 -8.96 -17.43
C GLY B 368 39.90 -8.34 -16.79
N ALA B 369 40.12 -7.28 -16.00
CA ALA B 369 39.00 -6.68 -15.26
C ALA B 369 37.96 -6.10 -16.21
N ASP B 370 38.41 -5.47 -17.30
CA ASP B 370 37.48 -4.89 -18.25
C ASP B 370 36.60 -5.96 -18.87
N LYS B 371 37.22 -7.06 -19.28
CA LYS B 371 36.47 -8.14 -19.90
C LYS B 371 35.52 -8.81 -18.91
N MET B 372 35.92 -8.86 -17.62
CA MET B 372 35.07 -9.52 -16.62
C MET B 372 33.81 -8.72 -16.36
N LYS B 373 33.92 -7.38 -16.36
CA LYS B 373 32.74 -6.56 -16.14
C LYS B 373 31.70 -6.81 -17.23
N SER B 374 32.14 -6.82 -18.49
CA SER B 374 31.23 -7.11 -19.59
C SER B 374 30.62 -8.51 -19.45
N TRP B 375 31.41 -9.47 -19.00
CA TRP B 375 30.88 -10.82 -18.79
C TRP B 375 29.70 -10.80 -17.83
N TYR B 376 29.85 -10.14 -16.68
CA TYR B 376 28.76 -10.09 -15.70
C TYR B 376 27.55 -9.34 -16.27
N GLU B 377 27.78 -8.34 -17.13
CA GLU B 377 26.67 -7.69 -17.82
C GLU B 377 26.02 -8.62 -18.84
N ARG B 378 26.83 -9.37 -19.59
CA ARG B 378 26.26 -10.32 -20.53
C ARG B 378 25.44 -11.40 -19.82
N PHE B 379 25.71 -11.66 -18.54
CA PHE B 379 24.86 -12.58 -17.78
C PHE B 379 23.62 -11.91 -17.20
N GLY B 380 23.30 -10.68 -17.61
CA GLY B 380 22.09 -10.01 -17.18
C GLY B 380 22.19 -9.24 -15.87
N PHE B 381 23.37 -9.16 -15.27
CA PHE B 381 23.50 -8.50 -13.97
C PHE B 381 23.57 -6.99 -14.11
N GLY B 382 23.18 -6.29 -13.04
CA GLY B 382 23.20 -4.85 -13.06
C GLY B 382 22.02 -4.21 -13.75
N LYS B 383 21.15 -4.99 -14.38
CA LYS B 383 19.95 -4.44 -14.98
C LYS B 383 18.77 -5.33 -14.67
N SER B 384 17.59 -4.73 -14.65
CA SER B 384 16.35 -5.45 -14.42
C SER B 384 16.17 -6.54 -15.47
N THR B 385 15.55 -7.66 -15.06
CA THR B 385 15.15 -8.68 -16.04
C THR B 385 13.91 -8.31 -16.81
N LYS B 386 13.28 -7.17 -16.47
CA LYS B 386 12.10 -6.68 -17.17
C LYS B 386 10.93 -7.64 -17.01
N GLY B 387 10.83 -8.27 -15.85
CA GLY B 387 9.70 -9.10 -15.52
C GLY B 387 8.47 -8.25 -15.36
N MET B 388 7.42 -8.90 -14.84
CA MET B 388 6.12 -8.25 -14.74
C MET B 388 5.83 -7.72 -13.34
N PHE B 389 6.78 -7.79 -12.43
CA PHE B 389 6.61 -7.22 -11.11
C PHE B 389 6.92 -5.72 -11.13
N ASP B 390 6.25 -4.97 -10.25
CA ASP B 390 6.47 -3.52 -10.12
C ASP B 390 7.77 -3.26 -9.38
N GLY B 391 8.42 -2.15 -9.72
CA GLY B 391 9.63 -1.73 -9.01
C GLY B 391 10.71 -2.78 -8.94
N GLU B 392 10.94 -3.50 -10.03
CA GLU B 392 11.99 -4.51 -10.02
C GLU B 392 13.34 -3.83 -9.81
N ALA B 393 14.13 -4.35 -8.89
CA ALA B 393 15.42 -3.74 -8.62
C ALA B 393 16.44 -4.11 -9.68
N PRO B 394 17.35 -3.21 -10.05
CA PRO B 394 18.39 -3.55 -11.03
C PRO B 394 19.65 -4.17 -10.45
N GLY B 395 19.88 -3.98 -9.13
CA GLY B 395 21.15 -4.34 -8.53
C GLY B 395 22.24 -3.42 -9.05
N GLN B 396 23.49 -3.80 -8.81
CA GLN B 396 24.62 -3.07 -9.38
C GLN B 396 25.87 -3.92 -9.32
N ILE B 397 26.69 -3.82 -10.36
CA ILE B 397 27.99 -4.47 -10.40
C ILE B 397 29.01 -3.53 -9.74
N GLY B 398 29.59 -3.97 -8.64
CA GLY B 398 30.57 -3.17 -7.93
C GLY B 398 31.92 -3.24 -8.62
N TRP B 399 32.27 -2.17 -9.34
CA TRP B 399 33.48 -2.21 -10.16
C TRP B 399 34.32 -0.93 -10.04
N SER B 400 34.12 -0.13 -8.99
CA SER B 400 34.73 1.19 -8.93
C SER B 400 36.25 1.11 -8.88
N ASN B 401 36.78 0.27 -8.00
CA ASN B 401 38.21 0.13 -7.82
C ASN B 401 38.57 -1.34 -7.83
N GLU B 402 39.86 -1.63 -7.71
CA GLU B 402 40.31 -3.02 -7.81
C GLU B 402 39.80 -3.87 -6.66
N LEU B 403 39.59 -3.26 -5.49
CA LEU B 403 39.05 -4.01 -4.36
C LEU B 403 37.59 -4.37 -4.57
N GLN B 404 36.81 -3.48 -5.15
CA GLN B 404 35.44 -3.87 -5.48
C GLN B 404 35.43 -4.95 -6.55
N GLN B 405 36.24 -4.79 -7.59
CA GLN B 405 36.33 -5.78 -8.67
C GLN B 405 36.66 -7.16 -8.13
N LYS B 406 37.71 -7.24 -7.31
CA LYS B 406 38.18 -8.54 -6.81
C LYS B 406 37.17 -9.20 -5.87
N THR B 407 36.55 -8.42 -4.98
CA THR B 407 35.52 -8.99 -4.10
C THR B 407 34.25 -9.35 -4.85
N SER B 408 33.99 -8.69 -5.99
CA SER B 408 32.86 -9.09 -6.84
C SER B 408 33.07 -10.47 -7.41
N SER B 409 34.32 -10.89 -7.59
CA SER B 409 34.57 -12.19 -8.20
C SER B 409 33.99 -13.32 -7.35
N PHE B 410 33.90 -13.12 -6.03
CA PHE B 410 33.28 -14.10 -5.16
C PHE B 410 31.99 -13.56 -4.53
N GLY B 411 31.31 -12.64 -5.20
CA GLY B 411 29.96 -12.28 -4.84
C GLY B 411 29.78 -11.29 -3.70
N GLN B 412 30.77 -10.46 -3.37
CA GLN B 412 30.55 -9.33 -2.47
C GLN B 412 30.62 -8.04 -3.27
N SER B 413 30.22 -6.92 -2.64
CA SER B 413 30.13 -5.61 -3.29
C SER B 413 29.06 -5.56 -4.37
N THR B 414 29.15 -6.42 -5.38
CA THR B 414 28.07 -6.54 -6.36
C THR B 414 26.80 -7.02 -5.67
N THR B 415 25.66 -6.38 -5.99
CA THR B 415 24.36 -6.80 -5.47
C THR B 415 23.48 -7.33 -6.59
N VAL B 416 22.63 -8.32 -6.26
CA VAL B 416 21.79 -9.00 -7.25
C VAL B 416 20.39 -9.21 -6.68
N THR B 417 19.45 -9.48 -7.56
CA THR B 417 18.16 -9.96 -7.10
C THR B 417 18.11 -11.46 -7.29
N PRO B 418 17.30 -12.18 -6.52
CA PRO B 418 17.19 -13.63 -6.78
C PRO B 418 16.76 -13.96 -8.20
N VAL B 419 15.95 -13.10 -8.84
CA VAL B 419 15.48 -13.42 -10.19
C VAL B 419 16.60 -13.30 -11.21
N GLN B 420 17.54 -12.36 -11.01
CA GLN B 420 18.75 -12.31 -11.84
C GLN B 420 19.57 -13.58 -11.69
N MET B 421 19.65 -14.12 -10.46
CA MET B 421 20.43 -15.34 -10.28
C MET B 421 19.79 -16.51 -11.01
N LEU B 422 18.47 -16.64 -10.93
CA LEU B 422 17.76 -17.70 -11.67
C LEU B 422 17.95 -17.53 -13.18
N GLN B 423 17.91 -16.29 -13.65
CA GLN B 423 18.05 -16.05 -15.08
C GLN B 423 19.43 -16.48 -15.54
N ALA B 424 20.46 -16.10 -14.80
CA ALA B 424 21.83 -16.43 -15.20
C ALA B 424 22.09 -17.94 -15.12
N GLN B 425 21.67 -18.59 -14.02
CA GLN B 425 21.95 -20.01 -13.81
C GLN B 425 21.32 -20.87 -14.90
N SER B 426 20.17 -20.44 -15.43
CA SER B 426 19.47 -21.21 -16.45
C SER B 426 20.31 -21.38 -17.70
N ALA B 427 21.31 -20.52 -17.94
CA ALA B 427 22.13 -20.71 -19.14
C ALA B 427 22.86 -22.05 -19.12
N PHE B 428 23.21 -22.54 -17.93
CA PHE B 428 24.01 -23.76 -17.85
C PHE B 428 23.22 -24.99 -18.28
N PHE B 429 21.88 -24.88 -18.34
CA PHE B 429 20.99 -26.00 -18.60
C PHE B 429 20.17 -25.82 -19.88
N ASN B 430 20.47 -24.80 -20.66
CA ASN B 430 19.80 -24.55 -21.94
C ASN B 430 20.80 -24.20 -23.01
N ASP B 431 21.92 -24.95 -23.07
CA ASP B 431 22.96 -24.79 -24.09
C ASP B 431 23.55 -23.38 -24.10
N GLY B 432 23.58 -22.71 -22.94
CA GLY B 432 24.10 -21.37 -22.84
C GLY B 432 23.06 -20.27 -22.91
N ASN B 433 21.80 -20.59 -23.25
CA ASN B 433 20.72 -19.60 -23.35
C ASN B 433 20.14 -19.27 -21.98
N MET B 434 20.24 -18.01 -21.57
CA MET B 434 19.51 -17.59 -20.38
C MET B 434 18.02 -17.57 -20.67
N LEU B 435 17.23 -18.09 -19.73
CA LEU B 435 15.78 -18.02 -19.81
C LEU B 435 15.26 -16.88 -18.92
N LYS B 436 14.38 -16.06 -19.46
CA LYS B 436 13.76 -15.01 -18.65
C LYS B 436 12.74 -15.64 -17.72
N PRO B 437 12.91 -15.55 -16.39
CA PRO B 437 11.89 -16.13 -15.50
C PRO B 437 10.56 -15.41 -15.67
N TRP B 438 9.47 -16.14 -15.42
CA TRP B 438 8.14 -15.58 -15.63
C TRP B 438 7.11 -16.34 -14.80
N PHE B 439 6.10 -15.61 -14.34
CA PHE B 439 5.16 -16.18 -13.40
C PHE B 439 3.70 -15.89 -13.77
N VAL B 440 3.46 -15.13 -14.83
CA VAL B 440 2.12 -14.81 -15.27
C VAL B 440 1.81 -15.65 -16.50
N ASN B 441 0.82 -16.50 -16.40
CA ASN B 441 0.53 -17.36 -17.53
C ASN B 441 -0.51 -16.75 -18.46
N SER B 442 -1.50 -16.07 -17.89
CA SER B 442 -2.61 -15.57 -18.69
C SER B 442 -3.33 -14.44 -17.96
N VAL B 443 -3.79 -13.45 -18.73
CA VAL B 443 -4.84 -12.53 -18.28
C VAL B 443 -5.94 -12.59 -19.32
N GLU B 444 -7.15 -12.95 -18.89
CA GLU B 444 -8.25 -13.22 -19.81
C GLU B 444 -9.56 -12.95 -19.07
N ASN B 445 -10.61 -12.70 -19.83
CA ASN B 445 -11.92 -12.43 -19.24
C ASN B 445 -12.83 -13.62 -19.45
N PRO B 446 -13.35 -14.22 -18.37
CA PRO B 446 -14.15 -15.45 -18.52
C PRO B 446 -15.53 -15.25 -19.15
N VAL B 447 -16.01 -14.03 -19.26
CA VAL B 447 -17.33 -13.81 -19.89
C VAL B 447 -17.19 -13.64 -21.39
N SER B 448 -16.37 -12.70 -21.81
CA SER B 448 -16.17 -12.41 -23.23
C SER B 448 -15.22 -13.37 -23.91
N LYS B 449 -14.35 -14.03 -23.14
CA LYS B 449 -13.28 -14.92 -23.62
C LYS B 449 -12.12 -14.16 -24.23
N ARG B 450 -12.07 -12.84 -24.08
CA ARG B 450 -10.90 -12.11 -24.56
C ARG B 450 -9.69 -12.48 -23.73
N GLN B 451 -8.60 -12.82 -24.40
CA GLN B 451 -7.32 -13.03 -23.73
C GLN B 451 -6.44 -11.81 -23.97
N PHE B 452 -6.07 -11.13 -22.89
CA PHE B 452 -5.26 -9.92 -23.00
C PHE B 452 -3.78 -10.20 -23.04
N TYR B 453 -3.33 -11.28 -22.40
CA TYR B 453 -1.92 -11.55 -22.25
C TYR B 453 -1.69 -13.06 -22.10
N LYS B 454 -0.61 -13.55 -22.71
CA LYS B 454 -0.24 -14.95 -22.51
C LYS B 454 1.27 -15.05 -22.33
N GLY B 455 1.71 -15.62 -21.21
CA GLY B 455 3.13 -15.74 -20.96
C GLY B 455 3.80 -16.79 -21.84
N GLN B 456 5.12 -16.66 -21.94
CA GLN B 456 5.90 -17.50 -22.83
C GLN B 456 7.30 -17.65 -22.30
N LYS B 457 7.91 -18.78 -22.65
CA LYS B 457 9.34 -18.96 -22.56
C LYS B 457 10.01 -17.94 -23.46
N GLN B 458 11.10 -17.35 -22.96
CA GLN B 458 11.80 -16.33 -23.73
C GLN B 458 13.28 -16.38 -23.40
N ILE B 459 14.12 -16.34 -24.42
CA ILE B 459 15.56 -16.36 -24.22
C ILE B 459 15.98 -14.93 -23.91
N ALA B 460 16.54 -14.72 -22.71
CA ALA B 460 16.99 -13.38 -22.33
C ALA B 460 18.33 -13.03 -22.93
N GLY B 461 18.99 -13.97 -23.57
CA GLY B 461 20.32 -13.79 -24.10
C GLY B 461 21.08 -15.09 -23.98
N LYS B 462 22.11 -15.25 -24.81
CA LYS B 462 22.95 -16.45 -24.82
C LYS B 462 24.40 -16.06 -24.59
N PRO B 463 24.81 -15.89 -23.33
CA PRO B 463 26.19 -15.42 -23.06
C PRO B 463 27.27 -16.47 -23.28
N ILE B 464 26.95 -17.77 -23.22
CA ILE B 464 27.97 -18.80 -23.35
C ILE B 464 27.55 -19.86 -24.36
N THR B 465 28.53 -20.62 -24.80
CA THR B 465 28.34 -21.72 -25.72
C THR B 465 27.89 -22.97 -24.97
N LYS B 466 27.36 -23.92 -25.74
CA LYS B 466 26.99 -25.22 -25.21
C LYS B 466 28.14 -25.86 -24.44
N ASP B 467 29.35 -25.82 -25.03
CA ASP B 467 30.52 -26.45 -24.43
C ASP B 467 30.88 -25.81 -23.07
N THR B 468 30.83 -24.48 -22.98
CA THR B 468 31.07 -23.82 -21.69
C THR B 468 30.02 -24.22 -20.67
N ALA B 469 28.75 -24.24 -21.08
CA ALA B 469 27.67 -24.64 -20.17
C ALA B 469 27.92 -26.01 -19.57
N GLU B 470 28.27 -26.98 -20.41
CA GLU B 470 28.54 -28.33 -19.91
C GLU B 470 29.75 -28.33 -19.00
N LYS B 471 30.75 -27.51 -19.30
CA LYS B 471 31.93 -27.50 -18.44
C LYS B 471 31.64 -26.82 -17.11
N VAL B 472 30.78 -25.81 -17.08
CA VAL B 472 30.27 -25.27 -15.81
C VAL B 472 29.57 -26.37 -15.02
N GLU B 473 28.65 -27.08 -15.68
CA GLU B 473 27.87 -28.14 -15.05
C GLU B 473 28.77 -29.22 -14.44
N LYS B 474 29.90 -29.52 -15.07
CA LYS B 474 30.80 -30.53 -14.50
C LYS B 474 31.37 -30.08 -13.15
N GLN B 475 31.69 -28.79 -13.00
CA GLN B 475 32.21 -28.32 -11.71
C GLN B 475 31.09 -28.21 -10.66
N LEU B 476 29.87 -27.85 -11.07
CA LEU B 476 28.74 -27.86 -10.14
C LEU B 476 28.49 -29.27 -9.60
N ASP B 477 28.57 -30.29 -10.48
CA ASP B 477 28.48 -31.66 -10.02
C ASP B 477 29.51 -31.94 -8.93
N LEU B 478 30.77 -31.60 -9.19
CA LEU B 478 31.83 -31.85 -8.22
C LEU B 478 31.60 -31.09 -6.91
N VAL B 479 31.01 -29.88 -6.94
CA VAL B 479 30.79 -29.13 -5.70
C VAL B 479 30.04 -29.97 -4.68
N VAL B 480 28.99 -30.67 -5.12
CA VAL B 480 28.17 -31.45 -4.22
C VAL B 480 28.66 -32.89 -4.03
N ASN B 481 29.33 -33.46 -5.04
CA ASN B 481 29.56 -34.91 -5.09
C ASN B 481 31.03 -35.32 -5.10
N SER B 482 31.97 -34.38 -5.11
CA SER B 482 33.38 -34.71 -4.94
C SER B 482 33.61 -35.41 -3.60
N LYS B 483 34.60 -36.32 -3.59
CA LYS B 483 35.09 -36.83 -2.30
C LYS B 483 35.51 -35.70 -1.38
N LYS B 484 36.12 -34.65 -1.93
CA LYS B 484 36.59 -33.51 -1.17
C LYS B 484 35.52 -32.44 -0.95
N SER B 485 34.26 -32.78 -1.20
CA SER B 485 33.19 -31.79 -1.11
C SER B 485 32.99 -31.31 0.32
N HIS B 486 32.50 -30.06 0.45
CA HIS B 486 32.00 -29.57 1.72
C HIS B 486 30.51 -29.25 1.64
N ALA B 487 29.81 -29.88 0.69
CA ALA B 487 28.38 -29.60 0.51
C ALA B 487 27.55 -30.87 0.48
N ALA B 488 28.02 -31.94 1.14
CA ALA B 488 27.30 -33.21 1.16
C ALA B 488 25.98 -33.12 1.94
N ASN B 489 25.81 -32.11 2.77
CA ASN B 489 24.54 -31.95 3.48
C ASN B 489 23.40 -31.54 2.56
N TYR B 490 23.68 -31.18 1.30
CA TYR B 490 22.66 -30.89 0.29
C TYR B 490 22.27 -32.11 -0.53
N ARG B 491 22.98 -33.22 -0.39
CA ARG B 491 22.64 -34.47 -1.05
C ARG B 491 21.25 -34.95 -0.62
N ILE B 492 20.49 -35.49 -1.57
CA ILE B 492 19.21 -36.13 -1.29
C ILE B 492 19.36 -37.60 -1.65
N ASP B 493 18.88 -38.48 -0.77
CA ASP B 493 18.98 -39.91 -1.01
C ASP B 493 18.05 -40.29 -2.16
N GLY B 494 18.61 -40.91 -3.21
CA GLY B 494 17.84 -41.33 -4.35
C GLY B 494 17.78 -40.33 -5.50
N TYR B 495 18.31 -39.12 -5.33
CA TYR B 495 18.28 -38.10 -6.37
C TYR B 495 19.67 -37.51 -6.54
N GLU B 496 20.07 -37.30 -7.78
CA GLU B 496 21.38 -36.72 -8.07
C GLU B 496 21.27 -35.20 -8.06
N VAL B 497 22.01 -34.55 -7.18
CA VAL B 497 21.91 -33.13 -6.92
C VAL B 497 23.23 -32.47 -7.32
N GLU B 498 23.14 -31.24 -7.83
CA GLU B 498 24.30 -30.40 -8.06
C GLU B 498 23.92 -28.96 -7.77
N GLY B 499 24.93 -28.11 -7.67
CA GLY B 499 24.73 -26.68 -7.48
C GLY B 499 25.95 -26.02 -6.84
N LYS B 500 25.72 -24.81 -6.32
CA LYS B 500 26.77 -24.04 -5.66
C LYS B 500 26.25 -23.44 -4.36
N THR B 501 27.07 -23.52 -3.33
CA THR B 501 26.83 -22.97 -2.02
C THR B 501 27.31 -21.53 -1.93
N GLY B 502 26.78 -20.81 -0.95
CA GLY B 502 27.26 -19.47 -0.65
C GLY B 502 27.17 -19.16 0.82
N THR B 503 28.19 -18.51 1.36
CA THR B 503 28.18 -18.03 2.74
C THR B 503 28.77 -16.62 2.72
N ALA B 504 27.89 -15.63 2.56
CA ALA B 504 28.27 -14.25 2.27
C ALA B 504 28.12 -13.36 3.49
N GLN B 505 29.01 -12.38 3.60
CA GLN B 505 28.83 -11.32 4.58
C GLN B 505 27.74 -10.35 4.11
N VAL B 506 27.14 -9.66 5.08
CA VAL B 506 25.95 -8.83 4.85
C VAL B 506 26.30 -7.40 5.28
N ALA B 507 26.02 -6.43 4.40
CA ALA B 507 26.40 -5.05 4.68
C ALA B 507 25.55 -4.47 5.80
N ALA B 508 26.19 -3.73 6.70
CA ALA B 508 25.47 -3.07 7.78
C ALA B 508 24.48 -2.08 7.19
N PRO B 509 23.20 -2.14 7.57
CA PRO B 509 22.19 -1.26 6.94
C PRO B 509 22.41 0.22 7.23
N ASN B 510 23.08 0.56 8.33
CA ASN B 510 23.38 1.96 8.61
C ASN B 510 24.87 2.18 8.88
N GLY B 511 25.43 1.45 9.85
CA GLY B 511 26.72 1.81 10.42
C GLY B 511 27.91 1.78 9.46
N GLY B 512 27.74 1.26 8.25
CA GLY B 512 28.86 1.05 7.34
C GLY B 512 29.62 -0.22 7.63
N GLY B 513 30.25 -0.76 6.60
CA GLY B 513 30.98 -2.01 6.75
C GLY B 513 30.06 -3.21 6.64
N TYR B 514 30.46 -4.31 7.27
CA TYR B 514 29.66 -5.52 7.32
C TYR B 514 29.09 -5.76 8.72
N VAL B 515 27.94 -6.43 8.77
CA VAL B 515 27.36 -6.84 10.05
C VAL B 515 28.31 -7.77 10.77
N LYS B 516 28.60 -7.46 12.04
CA LYS B 516 29.50 -8.22 12.88
C LYS B 516 28.75 -9.27 13.71
N GLY B 517 29.49 -10.24 14.24
CA GLY B 517 28.93 -11.27 15.08
C GLY B 517 29.57 -12.62 14.84
N PRO B 518 29.11 -13.65 15.57
CA PRO B 518 29.79 -14.97 15.48
C PRO B 518 29.69 -15.60 14.10
N ASN B 519 28.52 -15.54 13.45
CA ASN B 519 28.33 -16.09 12.11
C ASN B 519 27.33 -15.24 11.37
N PRO B 520 27.70 -14.02 10.99
CA PRO B 520 26.74 -13.04 10.46
C PRO B 520 26.63 -13.14 8.94
N TYR B 521 25.96 -14.20 8.48
CA TYR B 521 26.04 -14.62 7.10
C TYR B 521 24.68 -14.67 6.43
N PHE B 522 24.70 -14.37 5.13
CA PHE B 522 23.63 -14.74 4.22
C PHE B 522 24.02 -16.07 3.55
N VAL B 523 23.39 -17.17 3.94
CA VAL B 523 23.75 -18.50 3.45
C VAL B 523 22.75 -18.91 2.36
N SER B 524 23.24 -19.51 1.29
CA SER B 524 22.37 -19.77 0.16
C SER B 524 22.88 -20.96 -0.64
N PHE B 525 22.01 -21.48 -1.51
CA PHE B 525 22.36 -22.60 -2.40
C PHE B 525 21.55 -22.44 -3.67
N MET B 526 22.23 -22.49 -4.80
CA MET B 526 21.64 -22.45 -6.12
C MET B 526 21.73 -23.88 -6.67
N GLY B 527 20.67 -24.67 -6.50
CA GLY B 527 20.71 -26.08 -6.83
C GLY B 527 19.75 -26.58 -7.90
N ASP B 528 20.07 -27.73 -8.47
CA ASP B 528 19.24 -28.29 -9.53
C ASP B 528 19.38 -29.82 -9.49
N ALA B 529 18.31 -30.51 -9.91
CA ALA B 529 18.25 -31.97 -9.89
C ALA B 529 17.20 -32.44 -10.88
N PRO B 530 17.37 -33.63 -11.48
CA PRO B 530 18.59 -34.45 -11.46
C PRO B 530 19.73 -33.70 -12.10
N LYS B 531 20.97 -33.94 -11.68
CA LYS B 531 22.10 -33.20 -12.24
C LYS B 531 22.20 -33.40 -13.75
N LYS B 532 22.85 -32.42 -14.40
CA LYS B 532 23.05 -32.35 -15.85
C LYS B 532 21.78 -32.02 -16.62
N ASN B 533 20.73 -32.82 -16.46
CA ASN B 533 19.45 -32.58 -17.15
C ASN B 533 18.34 -32.34 -16.13
N PRO B 534 18.37 -31.20 -15.44
CA PRO B 534 17.47 -31.01 -14.29
C PRO B 534 16.05 -30.72 -14.72
N LYS B 535 15.11 -31.07 -13.84
CA LYS B 535 13.73 -30.65 -14.04
C LYS B 535 13.46 -29.25 -13.49
N VAL B 536 14.00 -28.92 -12.31
CA VAL B 536 13.75 -27.63 -11.67
C VAL B 536 15.05 -27.06 -11.10
N ILE B 537 15.07 -25.75 -10.94
CA ILE B 537 16.08 -25.05 -10.16
C ILE B 537 15.42 -24.61 -8.86
N VAL B 538 16.13 -24.79 -7.75
CA VAL B 538 15.68 -24.37 -6.43
C VAL B 538 16.75 -23.45 -5.86
N TYR B 539 16.36 -22.21 -5.60
CA TYR B 539 17.25 -21.18 -5.07
C TYR B 539 16.69 -20.77 -3.72
N ALA B 540 17.46 -21.02 -2.67
CA ALA B 540 17.02 -20.61 -1.35
C ALA B 540 18.13 -19.83 -0.68
N GLY B 541 17.72 -18.84 0.11
CA GLY B 541 18.67 -17.97 0.76
C GLY B 541 18.14 -17.52 2.10
N MET B 542 19.04 -17.50 3.09
CA MET B 542 18.71 -17.16 4.47
C MET B 542 19.69 -16.15 5.01
N SER B 543 19.16 -15.01 5.48
CA SER B 543 19.98 -13.87 5.89
C SER B 543 19.93 -13.71 7.42
N LEU B 544 21.09 -13.92 8.06
CA LEU B 544 21.34 -13.54 9.46
C LEU B 544 20.40 -14.29 10.42
N ALA B 545 20.66 -15.58 10.55
CA ALA B 545 20.02 -16.35 11.60
C ALA B 545 20.32 -15.71 12.95
N GLN B 546 19.27 -15.53 13.77
CA GLN B 546 19.43 -15.05 15.13
C GLN B 546 19.43 -16.20 16.13
N LYS B 547 19.02 -17.38 15.71
CA LYS B 547 19.03 -18.60 16.50
C LYS B 547 19.84 -19.65 15.76
N ASN B 548 20.71 -20.35 16.47
CA ASN B 548 21.50 -21.43 15.86
C ASN B 548 22.38 -20.91 14.70
N ASP B 549 23.04 -19.78 14.91
CA ASP B 549 23.84 -19.25 13.81
C ASP B 549 25.08 -20.10 13.53
N GLN B 550 25.58 -20.86 14.52
CA GLN B 550 26.60 -21.85 14.20
C GLN B 550 26.08 -22.86 13.18
N GLU B 551 24.91 -23.45 13.45
CA GLU B 551 24.40 -24.48 12.54
C GLU B 551 24.01 -23.90 11.18
N ALA B 552 23.55 -22.64 11.13
CA ALA B 552 23.24 -22.03 9.84
C ALA B 552 24.51 -21.87 9.00
N TYR B 553 25.62 -21.54 9.65
CA TYR B 553 26.91 -21.51 8.96
C TYR B 553 27.29 -22.87 8.40
N GLU B 554 27.10 -23.94 9.18
CA GLU B 554 27.54 -25.26 8.75
C GLU B 554 26.62 -25.87 7.70
N LEU B 555 25.31 -25.78 7.90
CA LEU B 555 24.32 -26.47 7.07
C LEU B 555 23.69 -25.57 6.01
N GLY B 556 23.90 -24.27 6.08
CA GLY B 556 23.32 -23.36 5.12
C GLY B 556 21.81 -23.47 5.07
N VAL B 557 21.28 -23.58 3.85
CA VAL B 557 19.85 -23.74 3.64
C VAL B 557 19.52 -25.20 3.28
N SER B 558 20.36 -26.16 3.70
CA SER B 558 20.11 -27.55 3.34
C SER B 558 18.78 -28.06 3.90
N LYS B 559 18.42 -27.62 5.12
CA LYS B 559 17.16 -28.06 5.72
C LYS B 559 15.94 -27.52 5.01
N ALA B 560 16.09 -26.53 4.14
CA ALA B 560 15.03 -26.10 3.24
C ALA B 560 15.16 -26.71 1.85
N PHE B 561 16.38 -26.77 1.32
CA PHE B 561 16.56 -27.24 -0.05
C PHE B 561 16.14 -28.69 -0.20
N LYS B 562 16.46 -29.53 0.80
CA LYS B 562 16.23 -30.97 0.64
C LYS B 562 14.75 -31.31 0.60
N PRO B 563 13.92 -30.88 1.56
CA PRO B 563 12.48 -31.20 1.44
C PRO B 563 11.84 -30.54 0.25
N ILE B 564 12.27 -29.33 -0.12
CA ILE B 564 11.68 -28.70 -1.30
C ILE B 564 12.00 -29.52 -2.54
N MET B 565 13.28 -29.77 -2.79
CA MET B 565 13.67 -30.45 -4.01
C MET B 565 13.16 -31.89 -4.04
N GLU B 566 13.30 -32.61 -2.93
CA GLU B 566 12.86 -34.01 -2.90
C GLU B 566 11.36 -34.11 -3.19
N ASN B 567 10.54 -33.33 -2.46
CA ASN B 567 9.10 -33.38 -2.67
C ASN B 567 8.71 -32.90 -4.06
N THR B 568 9.46 -31.96 -4.63
CA THR B 568 9.10 -31.45 -5.95
C THR B 568 9.35 -32.53 -6.99
N LEU B 569 10.52 -33.15 -6.95
CA LEU B 569 10.87 -34.19 -7.92
C LEU B 569 9.89 -35.36 -7.86
N LYS B 570 9.43 -35.74 -6.66
CA LYS B 570 8.47 -36.84 -6.56
C LYS B 570 7.13 -36.43 -7.15
N TYR B 571 6.65 -35.24 -6.80
CA TYR B 571 5.40 -34.74 -7.36
C TYR B 571 5.49 -34.61 -8.89
N LEU B 572 6.67 -34.34 -9.42
CA LEU B 572 6.87 -34.27 -10.88
C LEU B 572 7.20 -35.65 -11.49
N ASN B 573 7.10 -36.73 -10.70
CA ASN B 573 7.23 -38.11 -11.17
C ASN B 573 8.63 -38.45 -11.70
N VAL B 574 9.67 -37.83 -11.15
CA VAL B 574 11.04 -38.20 -11.47
C VAL B 574 11.45 -39.40 -10.63
N GLY B 575 12.07 -40.40 -11.26
CA GLY B 575 12.39 -41.66 -10.59
C GLY B 575 13.59 -41.56 -9.64
N LYS B 576 13.45 -42.13 -8.44
CA LYS B 576 14.59 -42.22 -7.53
C LYS B 576 15.69 -43.09 -8.12
N SER B 577 16.95 -42.67 -7.93
CA SER B 577 18.15 -43.47 -8.24
C SER B 577 17.99 -44.96 -7.94
#